data_1YED
#
_entry.id   1YED
#
_cell.length_a   99.250
_cell.length_b   104.790
_cell.length_c   223.750
_cell.angle_alpha   90.00
_cell.angle_beta   90.00
_cell.angle_gamma   90.00
#
_symmetry.space_group_name_H-M   'C 2 2 21'
#
loop_
_entity.id
_entity.type
_entity.pdbx_description
1 polymer 'IGG1 FAB FRAGMENT (D.2.4)'
2 polymer 'IGG1 FAB FRAGMENT (D.2.4)'
3 non-polymer 4-NITRO-BENZYLPHOSPHONOBUTANOYL-GLYCINE
4 water water
#
loop_
_entity_poly.entity_id
_entity_poly.type
_entity_poly.pdbx_seq_one_letter_code
_entity_poly.pdbx_strand_id
1 'polypeptide(L)'
;DIVMTQSPLTLSVTIGQPASISCKSSQSLLYSNGKTYLNWLLQRPGQSPKRLIYLVSKLESGVPDRFTGSGSGTDFTLKI
SRVEAADLGVYYCVQGTHFPYTFGGGTKLEILRADAAPTVSIFPPSSEQLTSGGASVVCFLNNFYPKDINVKWKIDGSER
QNGVLNSWTDQDSKDSTYSMSSTLTLTKDEYERHNSYTCEATHKTSTSPIVKSFNRNEC
;
L,A
2 'polypeptide(L)'
;AVKLQQSGPELVRPGTSVKLSCKTSGYIFTSYWIHWLKQSSGQGLEWIARIYPGTGGTYYNEKFKGKATLTADKSSSTAY
MQLSSLKSEDSAVYFCTRWGFTTVRENYYAMDYWGQGTLVTVSSAKTTPPSVYPLAPGSAAQTNSMVTLGCLVKGYFPEP
VTVTWNSGSLSSGVHTFPAVLQSDLYTLSSSVTVPSSPRPSETVTCNVAHPASSTKVDKKIVPRDC
;
H,B
#
# COMPACT_ATOMS: atom_id res chain seq x y z
N ASP A 1 -2.03 -9.05 0.07
CA ASP A 1 -2.51 -8.66 -1.28
C ASP A 1 -2.17 -7.22 -1.57
N ILE A 2 -2.07 -6.91 -2.87
CA ILE A 2 -1.68 -5.61 -3.42
C ILE A 2 -0.18 -5.51 -3.34
N VAL A 3 0.43 -5.08 -4.44
CA VAL A 3 1.87 -4.96 -4.50
C VAL A 3 2.23 -3.49 -4.66
N MET A 4 3.00 -2.97 -3.73
CA MET A 4 3.43 -1.58 -3.81
C MET A 4 4.88 -1.63 -4.31
N THR A 5 5.18 -0.87 -5.34
CA THR A 5 6.53 -0.84 -5.91
C THR A 5 7.16 0.53 -5.81
N GLN A 6 8.27 0.61 -5.09
CA GLN A 6 8.99 1.86 -4.91
C GLN A 6 10.23 2.00 -5.80
N SER A 7 10.53 3.25 -6.14
CA SER A 7 11.68 3.60 -6.96
C SER A 7 11.98 5.07 -6.70
N PRO A 8 13.27 5.43 -6.63
CA PRO A 8 14.43 4.56 -6.78
C PRO A 8 14.70 3.70 -5.56
N LEU A 9 15.65 2.78 -5.69
CA LEU A 9 16.07 1.89 -4.61
C LEU A 9 16.78 2.71 -3.52
N THR A 10 17.52 3.72 -3.95
CA THR A 10 18.27 4.63 -3.07
C THR A 10 18.43 5.92 -3.87
N LEU A 11 18.77 7.02 -3.21
CA LEU A 11 18.97 8.28 -3.91
C LEU A 11 19.77 9.29 -3.07
N SER A 12 20.72 9.94 -3.74
CA SER A 12 21.59 10.94 -3.10
C SER A 12 21.07 12.32 -3.44
N VAL A 13 20.99 13.19 -2.44
CA VAL A 13 20.52 14.55 -2.64
C VAL A 13 21.34 15.56 -1.88
N THR A 14 21.90 16.51 -2.62
CA THR A 14 22.70 17.58 -2.04
C THR A 14 21.75 18.45 -1.23
N ILE A 15 22.02 18.61 0.06
CA ILE A 15 21.18 19.42 0.94
C ILE A 15 20.76 20.73 0.25
N GLY A 16 19.45 20.94 0.14
CA GLY A 16 18.93 22.13 -0.51
C GLY A 16 18.16 21.76 -1.77
N GLN A 17 18.60 20.69 -2.43
CA GLN A 17 17.95 20.19 -3.65
C GLN A 17 16.72 19.36 -3.27
N PRO A 18 15.82 19.13 -4.23
CA PRO A 18 14.60 18.35 -4.00
C PRO A 18 14.78 16.86 -4.29
N ALA A 19 13.76 16.07 -3.99
CA ALA A 19 13.77 14.64 -4.23
C ALA A 19 12.33 14.18 -4.47
N SER A 20 12.15 13.12 -5.24
CA SER A 20 10.82 12.58 -5.52
C SER A 20 10.78 11.05 -5.46
N ILE A 21 10.23 10.52 -4.38
CA ILE A 21 10.12 9.07 -4.24
C ILE A 21 8.79 8.72 -4.91
N SER A 22 8.77 7.59 -5.60
CA SER A 22 7.58 7.14 -6.30
C SER A 22 7.09 5.80 -5.73
N CYS A 23 5.78 5.61 -5.75
CA CYS A 23 5.17 4.40 -5.23
C CYS A 23 4.00 4.05 -6.14
N LYS A 24 4.16 2.99 -6.93
CA LYS A 24 3.10 2.55 -7.83
C LYS A 24 2.43 1.36 -7.16
N SER A 25 1.13 1.18 -7.39
CA SER A 25 0.41 0.08 -6.77
C SER A 25 -0.12 -0.91 -7.81
N SER A 26 -0.43 -2.14 -7.37
CA SER A 26 -0.94 -3.17 -8.26
C SER A 26 -2.46 -3.12 -8.53
N GLN A 27 -3.20 -2.40 -7.70
CA GLN A 27 -4.65 -2.29 -7.83
C GLN A 27 -5.04 -0.86 -7.52
N SER A 28 -6.33 -0.53 -7.69
CA SER A 28 -6.79 0.81 -7.37
C SER A 28 -6.89 0.92 -5.86
N LEU A 29 -6.64 2.11 -5.33
CA LEU A 29 -6.69 2.31 -3.89
C LEU A 29 -7.87 3.16 -3.44
N LEU A 30 -8.86 3.32 -4.31
CA LEU A 30 -10.03 4.11 -3.97
C LEU A 30 -11.06 3.20 -3.30
N TYR A 31 -11.50 3.61 -2.12
CA TYR A 31 -12.47 2.86 -1.34
C TYR A 31 -13.88 3.37 -1.67
N SER A 32 -14.88 2.58 -1.32
CA SER A 32 -16.28 2.90 -1.55
C SER A 32 -16.60 4.34 -1.14
N ASN A 33 -16.12 4.74 0.04
CA ASN A 33 -16.36 6.07 0.56
C ASN A 33 -15.62 7.17 -0.23
N GLY A 34 -15.04 6.78 -1.36
CA GLY A 34 -14.31 7.72 -2.19
C GLY A 34 -12.98 8.14 -1.61
N LYS A 35 -12.54 7.44 -0.56
CA LYS A 35 -11.28 7.72 0.10
C LYS A 35 -10.15 6.84 -0.42
N THR A 36 -8.94 7.41 -0.49
CA THR A 36 -7.75 6.68 -0.93
C THR A 36 -6.79 6.59 0.27
N TYR A 37 -6.69 5.38 0.84
CA TYR A 37 -5.84 5.15 2.00
C TYR A 37 -4.39 4.83 1.65
N LEU A 38 -3.59 5.87 1.52
CA LEU A 38 -2.18 5.75 1.18
C LEU A 38 -1.37 6.64 2.13
N ASN A 39 -0.46 6.04 2.90
CA ASN A 39 0.37 6.78 3.85
C ASN A 39 1.86 6.63 3.55
N TRP A 40 2.65 7.58 4.03
CA TRP A 40 4.11 7.59 3.87
C TRP A 40 4.82 7.61 5.23
N LEU A 41 5.68 6.63 5.47
CA LEU A 41 6.47 6.48 6.71
C LEU A 41 7.94 6.84 6.51
N LEU A 42 8.64 7.13 7.60
CA LEU A 42 10.05 7.52 7.50
C LEU A 42 11.10 6.52 7.96
N GLN A 43 11.30 6.42 9.27
CA GLN A 43 12.31 5.55 9.88
C GLN A 43 13.74 6.04 9.65
N ARG A 44 14.24 6.85 10.58
CA ARG A 44 15.60 7.37 10.51
C ARG A 44 16.55 6.31 11.03
N PRO A 45 17.88 6.54 10.92
CA PRO A 45 18.83 5.55 11.42
C PRO A 45 18.66 5.31 12.92
N GLY A 46 18.47 4.04 13.30
CA GLY A 46 18.34 3.71 14.70
C GLY A 46 17.01 4.02 15.38
N GLN A 47 15.97 4.27 14.60
CA GLN A 47 14.66 4.56 15.16
C GLN A 47 13.55 3.76 14.49
N SER A 48 12.36 3.80 15.08
CA SER A 48 11.22 3.09 14.56
C SER A 48 10.57 3.93 13.48
N PRO A 49 9.73 3.31 12.63
CA PRO A 49 9.06 4.05 11.56
C PRO A 49 8.11 5.08 12.17
N LYS A 50 7.85 6.16 11.43
CA LYS A 50 6.96 7.21 11.90
C LYS A 50 6.08 7.68 10.75
N ARG A 51 4.81 7.96 11.01
CA ARG A 51 3.91 8.44 9.96
C ARG A 51 4.18 9.89 9.60
N LEU A 52 4.23 10.17 8.31
CA LEU A 52 4.48 11.51 7.81
C LEU A 52 3.27 12.09 7.10
N ILE A 53 2.67 11.28 6.22
CA ILE A 53 1.51 11.71 5.45
C ILE A 53 0.45 10.62 5.40
N TYR A 54 -0.78 10.97 5.70
CA TYR A 54 -1.88 10.03 5.63
C TYR A 54 -2.89 10.58 4.63
N LEU A 55 -3.72 9.70 4.07
CA LEU A 55 -4.74 10.08 3.08
C LEU A 55 -4.11 10.80 1.87
N VAL A 56 -3.03 10.22 1.38
CA VAL A 56 -2.29 10.70 0.21
C VAL A 56 -1.60 12.06 0.30
N SER A 57 -2.27 13.05 0.88
CA SER A 57 -1.70 14.40 0.97
C SER A 57 -1.81 15.10 2.33
N LYS A 58 -2.22 14.40 3.37
CA LYS A 58 -2.36 15.04 4.68
C LYS A 58 -1.14 14.92 5.59
N LEU A 59 -0.41 16.03 5.71
CA LEU A 59 0.78 16.11 6.56
C LEU A 59 0.40 15.90 8.02
N GLU A 60 1.23 15.16 8.75
CA GLU A 60 0.97 14.91 10.17
C GLU A 60 1.46 16.08 11.00
N SER A 61 1.00 16.17 12.24
CA SER A 61 1.40 17.25 13.15
C SER A 61 2.91 17.18 13.38
N GLY A 62 3.62 18.21 12.94
CA GLY A 62 5.06 18.24 13.11
C GLY A 62 5.84 18.14 11.82
N VAL A 63 5.21 17.57 10.80
CA VAL A 63 5.84 17.42 9.49
C VAL A 63 6.05 18.79 8.85
N PRO A 64 7.23 19.01 8.25
CA PRO A 64 7.56 20.28 7.59
C PRO A 64 6.78 20.55 6.30
N ASP A 65 6.57 21.83 6.01
CA ASP A 65 5.87 22.27 4.81
C ASP A 65 6.64 21.95 3.52
N ARG A 66 7.77 21.28 3.66
CA ARG A 66 8.62 20.92 2.53
C ARG A 66 8.22 19.58 1.93
N PHE A 67 7.49 18.78 2.70
CA PHE A 67 7.04 17.48 2.22
C PHE A 67 5.71 17.64 1.50
N THR A 68 5.51 16.90 0.43
CA THR A 68 4.29 16.99 -0.35
C THR A 68 3.78 15.61 -0.72
N GLY A 69 2.55 15.30 -0.35
CA GLY A 69 1.96 14.02 -0.68
C GLY A 69 1.13 14.19 -1.93
N SER A 70 1.15 13.21 -2.82
CA SER A 70 0.38 13.31 -4.06
C SER A 70 0.13 11.96 -4.70
N GLY A 71 -0.58 11.96 -5.81
CA GLY A 71 -0.89 10.73 -6.51
C GLY A 71 -2.30 10.71 -7.05
N SER A 72 -2.63 9.61 -7.74
CA SER A 72 -3.95 9.40 -8.32
C SER A 72 -4.02 8.05 -9.05
N GLY A 73 -5.04 7.27 -8.74
CA GLY A 73 -5.22 5.99 -9.39
C GLY A 73 -4.31 4.95 -8.79
N THR A 74 -3.17 4.71 -9.42
CA THR A 74 -2.21 3.73 -8.93
C THR A 74 -0.80 4.32 -8.75
N ASP A 75 -0.61 5.56 -9.17
CA ASP A 75 0.67 6.23 -9.07
C ASP A 75 0.67 7.23 -7.93
N PHE A 76 1.61 7.06 -6.99
CA PHE A 76 1.71 7.99 -5.86
C PHE A 76 3.10 8.59 -5.74
N THR A 77 3.16 9.82 -5.27
CA THR A 77 4.42 10.55 -5.18
C THR A 77 4.62 11.38 -3.91
N LEU A 78 5.81 11.25 -3.32
CA LEU A 78 6.18 12.01 -2.14
C LEU A 78 7.27 12.95 -2.64
N LYS A 79 7.06 14.25 -2.49
CA LYS A 79 8.03 15.24 -2.93
C LYS A 79 8.59 16.05 -1.77
N ILE A 80 9.91 16.25 -1.80
CA ILE A 80 10.59 17.03 -0.78
C ILE A 80 11.22 18.18 -1.57
N SER A 81 10.80 19.40 -1.26
CA SER A 81 11.28 20.59 -1.93
C SER A 81 12.74 20.93 -1.61
N ARG A 82 13.02 21.17 -0.33
CA ARG A 82 14.36 21.50 0.10
C ARG A 82 14.79 20.44 1.10
N VAL A 83 15.73 19.60 0.70
CA VAL A 83 16.22 18.55 1.58
C VAL A 83 17.18 19.08 2.63
N GLU A 84 16.87 18.77 3.89
CA GLU A 84 17.67 19.17 5.04
C GLU A 84 18.34 17.90 5.54
N ALA A 85 19.46 18.07 6.25
CA ALA A 85 20.22 16.94 6.78
C ALA A 85 19.41 15.92 7.59
N ALA A 86 18.41 16.41 8.32
CA ALA A 86 17.58 15.56 9.17
C ALA A 86 16.61 14.60 8.47
N ASP A 87 16.49 14.71 7.16
CA ASP A 87 15.58 13.85 6.40
C ASP A 87 16.19 12.51 6.01
N LEU A 88 17.36 12.21 6.56
CA LEU A 88 18.03 10.97 6.29
C LEU A 88 17.11 9.84 6.73
N GLY A 89 17.00 8.80 5.92
CA GLY A 89 16.13 7.69 6.29
C GLY A 89 15.72 6.78 5.16
N VAL A 90 14.81 5.86 5.47
CA VAL A 90 14.31 4.92 4.48
C VAL A 90 12.79 5.05 4.38
N TYR A 91 12.34 5.92 3.48
CA TYR A 91 10.92 6.18 3.25
C TYR A 91 10.14 4.97 2.75
N TYR A 92 8.96 4.74 3.34
CA TYR A 92 8.10 3.62 2.98
C TYR A 92 6.69 4.08 2.68
N CYS A 93 6.01 3.38 1.77
CA CYS A 93 4.62 3.71 1.43
C CYS A 93 3.75 2.50 1.76
N VAL A 94 2.62 2.76 2.41
CA VAL A 94 1.70 1.70 2.83
C VAL A 94 0.30 1.95 2.30
N GLN A 95 -0.30 0.94 1.67
CA GLN A 95 -1.65 1.05 1.15
C GLN A 95 -2.53 0.44 2.24
N GLY A 96 -3.64 1.11 2.55
CA GLY A 96 -4.53 0.59 3.59
C GLY A 96 -5.93 0.30 3.09
N THR A 97 -6.11 0.44 1.78
CA THR A 97 -7.42 0.22 1.17
C THR A 97 -7.84 -1.24 1.10
N HIS A 98 -6.89 -2.15 1.08
CA HIS A 98 -7.23 -3.56 0.99
C HIS A 98 -6.63 -4.25 2.20
N PHE A 99 -7.43 -5.07 2.88
CA PHE A 99 -7.02 -5.71 4.14
C PHE A 99 -5.55 -6.02 4.43
N PRO A 100 -4.96 -7.02 3.75
CA PRO A 100 -3.56 -7.22 4.11
C PRO A 100 -2.80 -5.97 3.70
N TYR A 101 -2.65 -5.05 4.65
CA TYR A 101 -1.95 -3.80 4.41
C TYR A 101 -0.57 -4.19 3.92
N THR A 102 -0.08 -3.51 2.89
CA THR A 102 1.22 -3.85 2.36
C THR A 102 2.11 -2.61 2.23
N PHE A 103 3.42 -2.82 2.35
CA PHE A 103 4.39 -1.73 2.29
C PHE A 103 5.20 -1.75 0.99
N GLY A 104 5.92 -0.67 0.76
CA GLY A 104 6.79 -0.59 -0.39
C GLY A 104 8.10 -1.17 0.14
N GLY A 105 9.15 -1.17 -0.69
CA GLY A 105 10.42 -1.71 -0.23
C GLY A 105 11.33 -0.64 0.36
N GLY A 106 10.84 0.59 0.41
CA GLY A 106 11.64 1.67 0.96
C GLY A 106 12.57 2.22 -0.09
N THR A 107 12.98 3.47 0.11
CA THR A 107 13.88 4.15 -0.80
C THR A 107 14.85 4.77 0.19
N LYS A 108 16.14 4.50 0.06
CA LYS A 108 17.08 5.09 1.01
C LYS A 108 17.59 6.44 0.57
N LEU A 109 17.40 7.45 1.41
CA LEU A 109 17.85 8.79 1.11
C LEU A 109 19.28 8.91 1.65
N GLU A 110 20.13 9.58 0.89
CA GLU A 110 21.52 9.81 1.28
C GLU A 110 21.81 11.29 1.08
N ILE A 111 22.15 11.99 2.15
CA ILE A 111 22.45 13.42 2.05
C ILE A 111 23.83 13.66 1.42
N LEU A 112 23.85 14.23 0.22
CA LEU A 112 25.12 14.53 -0.44
C LEU A 112 25.72 15.73 0.29
N ARG A 113 26.95 15.55 0.78
CA ARG A 113 27.65 16.56 1.55
C ARG A 113 28.98 16.91 0.90
N ALA A 114 29.56 18.02 1.32
CA ALA A 114 30.86 18.45 0.80
C ALA A 114 31.94 17.59 1.44
N ASP A 115 33.03 17.33 0.72
CA ASP A 115 34.13 16.51 1.22
C ASP A 115 34.62 16.95 2.61
N ALA A 116 35.05 15.96 3.41
CA ALA A 116 35.57 16.18 4.76
C ALA A 116 36.59 15.09 5.10
N ALA A 117 37.77 15.50 5.55
CA ALA A 117 38.84 14.57 5.91
C ALA A 117 38.62 14.04 7.32
N PRO A 118 38.89 12.73 7.53
CA PRO A 118 38.72 12.03 8.80
C PRO A 118 39.77 12.32 9.86
N THR A 119 39.56 11.70 11.02
CA THR A 119 40.44 11.79 12.16
C THR A 119 40.83 10.36 12.52
N VAL A 120 42.06 9.98 12.20
CA VAL A 120 42.57 8.63 12.46
C VAL A 120 43.07 8.46 13.90
N SER A 121 42.88 7.25 14.44
CA SER A 121 43.31 6.86 15.78
C SER A 121 43.66 5.38 15.73
N ILE A 122 44.89 5.02 16.06
CA ILE A 122 45.33 3.63 16.03
C ILE A 122 45.57 3.19 17.47
N PHE A 123 45.21 1.94 17.79
CA PHE A 123 45.35 1.41 19.14
C PHE A 123 46.08 0.08 19.12
N PRO A 124 47.08 -0.08 20.00
CA PRO A 124 47.84 -1.33 20.06
C PRO A 124 47.01 -2.38 20.80
N PRO A 125 47.26 -3.67 20.53
CA PRO A 125 46.49 -4.73 21.20
C PRO A 125 46.58 -4.58 22.70
N SER A 126 45.55 -5.01 23.40
CA SER A 126 45.55 -4.93 24.85
C SER A 126 46.35 -6.12 25.37
N SER A 127 47.13 -5.90 26.43
CA SER A 127 47.94 -6.95 27.03
C SER A 127 47.07 -8.14 27.38
N GLU A 128 45.85 -7.83 27.80
CA GLU A 128 44.86 -8.82 28.17
C GLU A 128 44.65 -9.77 26.99
N GLN A 129 44.48 -9.20 25.79
CA GLN A 129 44.27 -10.01 24.59
C GLN A 129 45.50 -10.85 24.27
N LEU A 130 46.68 -10.25 24.39
CA LEU A 130 47.92 -10.96 24.11
C LEU A 130 48.09 -12.24 24.92
N THR A 131 47.53 -12.30 26.13
CA THR A 131 47.64 -13.49 26.96
C THR A 131 46.83 -14.67 26.41
N SER A 132 45.93 -14.39 25.48
CA SER A 132 45.12 -15.45 24.88
C SER A 132 45.70 -15.88 23.53
N GLY A 133 46.80 -15.24 23.13
CA GLY A 133 47.45 -15.59 21.87
C GLY A 133 46.95 -14.95 20.59
N GLY A 134 46.25 -13.82 20.71
CA GLY A 134 45.75 -13.13 19.55
C GLY A 134 46.15 -11.67 19.63
N ALA A 135 45.86 -10.89 18.59
CA ALA A 135 46.23 -9.48 18.60
C ALA A 135 45.42 -8.70 17.57
N SER A 136 44.61 -7.77 18.05
CA SER A 136 43.81 -6.95 17.17
C SER A 136 44.22 -5.49 17.34
N VAL A 137 44.85 -4.95 16.30
CA VAL A 137 45.28 -3.56 16.28
C VAL A 137 44.10 -2.81 15.66
N VAL A 138 43.53 -1.87 16.40
CA VAL A 138 42.36 -1.13 15.92
C VAL A 138 42.67 0.30 15.48
N CYS A 139 41.99 0.75 14.44
CA CYS A 139 42.19 2.12 13.93
C CYS A 139 40.82 2.73 13.64
N PHE A 140 40.47 3.77 14.39
CA PHE A 140 39.19 4.44 14.20
C PHE A 140 39.31 5.64 13.28
N LEU A 141 38.60 5.59 12.17
CA LEU A 141 38.58 6.68 11.19
C LEU A 141 37.19 7.29 11.25
N ASN A 142 37.04 8.46 11.85
CA ASN A 142 35.71 9.04 11.89
C ASN A 142 35.51 10.50 11.57
N ASN A 143 34.26 10.80 11.22
CA ASN A 143 33.78 12.13 10.86
C ASN A 143 34.25 12.51 9.46
N PHE A 144 33.91 11.71 8.46
CA PHE A 144 34.33 11.98 7.09
C PHE A 144 33.24 11.85 6.05
N TYR A 145 33.49 12.43 4.89
CA TYR A 145 32.61 12.37 3.74
C TYR A 145 33.52 12.53 2.53
N PRO A 146 33.24 11.77 1.44
CA PRO A 146 32.17 10.81 1.15
C PRO A 146 32.28 9.54 1.99
N LYS A 147 31.55 8.50 1.63
CA LYS A 147 31.56 7.25 2.38
C LYS A 147 32.82 6.48 2.06
N ASP A 148 32.75 5.61 1.06
CA ASP A 148 33.88 4.78 0.66
C ASP A 148 35.25 5.47 0.62
N ILE A 149 36.07 5.14 1.60
CA ILE A 149 37.42 5.66 1.77
C ILE A 149 38.38 4.47 1.79
N ASN A 150 39.64 4.71 1.45
CA ASN A 150 40.63 3.63 1.40
C ASN A 150 41.57 3.67 2.60
N VAL A 151 41.54 2.62 3.42
CA VAL A 151 42.42 2.52 4.58
C VAL A 151 43.53 1.53 4.32
N LYS A 152 44.77 1.92 4.61
CA LYS A 152 45.92 1.06 4.37
C LYS A 152 46.71 0.70 5.62
N TRP A 153 46.94 -0.60 5.79
CA TRP A 153 47.70 -1.13 6.91
C TRP A 153 49.09 -1.51 6.43
N LYS A 154 50.10 -0.85 6.97
CA LYS A 154 51.50 -1.13 6.61
C LYS A 154 52.29 -1.62 7.81
N ILE A 155 52.43 -2.94 7.91
CA ILE A 155 53.16 -3.57 9.01
C ILE A 155 54.65 -3.68 8.70
N ASP A 156 55.47 -3.15 9.60
CA ASP A 156 56.92 -3.15 9.45
C ASP A 156 57.31 -2.60 8.08
N GLY A 157 56.81 -1.41 7.77
CA GLY A 157 57.09 -0.77 6.50
C GLY A 157 56.54 -1.43 5.24
N SER A 158 56.04 -2.66 5.33
CA SER A 158 55.53 -3.33 4.14
C SER A 158 54.01 -3.34 4.09
N GLU A 159 53.45 -4.07 3.12
CA GLU A 159 52.00 -4.23 2.89
C GLU A 159 51.16 -4.63 4.10
N ARG A 160 50.01 -5.22 3.81
CA ARG A 160 49.08 -5.70 4.84
C ARG A 160 49.72 -6.93 5.46
N GLN A 161 48.94 -7.53 6.37
CA GLN A 161 49.27 -8.80 6.97
C GLN A 161 48.23 -9.26 7.95
N ASN A 162 47.98 -10.57 7.90
CA ASN A 162 46.97 -11.24 8.74
C ASN A 162 45.55 -10.61 8.72
N GLY A 163 45.02 -10.42 7.50
CA GLY A 163 43.65 -9.93 7.28
C GLY A 163 42.89 -8.88 8.12
N VAL A 164 42.44 -7.85 7.39
CA VAL A 164 41.71 -6.70 7.93
C VAL A 164 40.18 -6.84 7.81
N LEU A 165 39.46 -6.26 8.75
CA LEU A 165 38.00 -6.27 8.76
C LEU A 165 37.53 -4.81 8.96
N ASN A 166 36.56 -4.34 8.16
CA ASN A 166 36.10 -2.95 8.24
C ASN A 166 34.61 -2.79 8.53
N SER A 167 34.23 -1.63 9.08
CA SER A 167 32.83 -1.35 9.43
C SER A 167 32.50 0.14 9.54
N TRP A 168 31.52 0.56 8.76
CA TRP A 168 31.07 1.95 8.74
C TRP A 168 29.78 2.09 9.51
N THR A 169 29.41 3.33 9.79
CA THR A 169 28.17 3.61 10.49
C THR A 169 27.21 4.32 9.54
N ASP A 170 26.05 4.71 10.06
CA ASP A 170 25.05 5.43 9.30
C ASP A 170 25.48 6.89 9.32
N GLN A 171 25.03 7.64 8.31
CA GLN A 171 25.35 9.06 8.18
C GLN A 171 24.72 9.75 9.38
N ASP A 172 25.34 10.79 9.90
CA ASP A 172 24.76 11.47 11.07
C ASP A 172 23.69 12.46 10.63
N SER A 173 22.46 12.22 11.05
CA SER A 173 21.34 13.10 10.72
C SER A 173 21.41 14.28 11.68
N LYS A 174 22.53 14.98 11.57
CA LYS A 174 22.91 16.13 12.40
C LYS A 174 24.29 16.10 11.79
N ASP A 175 24.67 17.13 11.04
CA ASP A 175 25.95 17.12 10.33
C ASP A 175 25.62 16.03 9.27
N SER A 176 26.60 15.46 8.60
CA SER A 176 26.30 14.42 7.62
C SER A 176 27.52 13.58 7.26
N THR A 177 28.37 13.32 8.24
CA THR A 177 29.57 12.56 8.01
C THR A 177 29.38 11.07 8.29
N TYR A 178 30.49 10.34 8.29
CA TYR A 178 30.49 8.91 8.55
C TYR A 178 31.56 8.58 9.60
N SER A 179 31.72 7.29 9.87
CA SER A 179 32.68 6.77 10.82
C SER A 179 32.92 5.31 10.51
N MET A 180 34.17 4.89 10.58
CA MET A 180 34.58 3.52 10.29
C MET A 180 35.62 3.06 11.31
N SER A 181 35.73 1.75 11.46
CA SER A 181 36.67 1.15 12.38
C SER A 181 37.33 0.04 11.60
N SER A 182 38.66 0.10 11.50
CA SER A 182 39.40 -0.92 10.77
C SER A 182 40.17 -1.72 11.79
N THR A 183 39.95 -3.03 11.77
CA THR A 183 40.61 -3.93 12.70
C THR A 183 41.54 -4.93 12.02
N LEU A 184 42.82 -4.87 12.39
CA LEU A 184 43.83 -5.78 11.86
C LEU A 184 44.06 -6.85 12.91
N THR A 185 43.73 -8.09 12.60
CA THR A 185 43.90 -9.17 13.57
C THR A 185 44.97 -10.17 13.16
N LEU A 186 46.10 -10.12 13.84
CA LEU A 186 47.23 -11.02 13.62
C LEU A 186 47.25 -11.93 14.85
N THR A 187 48.04 -13.00 14.80
CA THR A 187 48.16 -13.89 15.95
C THR A 187 49.24 -13.26 16.81
N LYS A 188 49.45 -13.80 18.00
CA LYS A 188 50.48 -13.27 18.89
C LYS A 188 51.87 -13.36 18.24
N ASP A 189 52.17 -14.48 17.58
CA ASP A 189 53.46 -14.68 16.90
C ASP A 189 53.84 -13.54 15.95
N GLU A 190 52.99 -13.34 14.95
CA GLU A 190 53.19 -12.33 13.93
C GLU A 190 53.35 -10.93 14.46
N TYR A 191 52.62 -10.62 15.52
CA TYR A 191 52.68 -9.30 16.14
C TYR A 191 54.06 -9.11 16.78
N GLU A 192 54.50 -10.11 17.52
CA GLU A 192 55.78 -10.11 18.22
C GLU A 192 57.01 -10.15 17.31
N ARG A 193 56.81 -10.20 16.00
CA ARG A 193 57.93 -10.23 15.06
C ARG A 193 58.15 -8.93 14.33
N HIS A 194 57.14 -8.09 14.26
CA HIS A 194 57.27 -6.81 13.58
C HIS A 194 57.12 -5.74 14.64
N ASN A 195 57.62 -4.54 14.40
CA ASN A 195 57.53 -3.49 15.41
C ASN A 195 56.84 -2.19 15.03
N SER A 196 56.79 -1.86 13.75
CA SER A 196 56.13 -0.62 13.34
C SER A 196 54.78 -0.93 12.69
N TYR A 197 53.72 -0.32 13.19
CA TYR A 197 52.40 -0.54 12.61
C TYR A 197 51.79 0.80 12.21
N THR A 198 51.34 0.92 10.97
CA THR A 198 50.75 2.17 10.50
C THR A 198 49.34 2.01 9.92
N CYS A 199 48.60 3.13 9.97
CA CYS A 199 47.23 3.25 9.47
C CYS A 199 47.18 4.51 8.61
N GLU A 200 47.14 4.32 7.30
CA GLU A 200 47.08 5.42 6.34
C GLU A 200 45.67 5.51 5.79
N ALA A 201 45.27 6.70 5.37
CA ALA A 201 43.92 6.91 4.81
C ALA A 201 43.92 7.74 3.53
N THR A 202 43.61 7.09 2.41
CA THR A 202 43.58 7.76 1.10
C THR A 202 42.18 8.33 0.85
N HIS A 203 42.10 9.65 0.73
CA HIS A 203 40.83 10.32 0.49
C HIS A 203 40.44 10.07 -0.96
N LYS A 204 39.77 8.93 -1.18
CA LYS A 204 39.30 8.49 -2.49
C LYS A 204 40.48 7.95 -3.33
N THR A 205 41.39 8.84 -3.75
CA THR A 205 42.53 8.44 -4.58
C THR A 205 43.87 9.04 -4.14
N SER A 206 44.93 8.71 -4.87
CA SER A 206 46.29 9.22 -4.66
C SER A 206 47.14 8.48 -3.62
N THR A 207 48.31 9.04 -3.28
CA THR A 207 49.21 8.46 -2.29
C THR A 207 48.81 8.82 -0.87
N SER A 208 48.25 7.81 -0.20
CA SER A 208 47.73 7.86 1.15
C SER A 208 48.39 8.65 2.27
N PRO A 209 47.82 9.83 2.59
CA PRO A 209 48.37 10.64 3.67
C PRO A 209 47.50 10.30 4.89
N ILE A 210 47.42 11.21 5.86
CA ILE A 210 46.61 10.98 7.07
C ILE A 210 47.01 9.63 7.66
N VAL A 211 48.22 9.60 8.20
CA VAL A 211 48.79 8.39 8.78
C VAL A 211 49.00 8.52 10.30
N LYS A 212 48.64 7.46 11.00
CA LYS A 212 48.83 7.39 12.45
C LYS A 212 49.54 6.06 12.65
N SER A 213 50.43 6.01 13.63
CA SER A 213 51.15 4.77 13.89
C SER A 213 51.80 4.72 15.25
N PHE A 214 52.15 3.52 15.69
CA PHE A 214 52.80 3.33 16.97
C PHE A 214 53.94 2.35 16.75
N ASN A 215 54.81 2.24 17.75
CA ASN A 215 55.94 1.34 17.66
C ASN A 215 55.89 0.38 18.84
N ARG A 216 55.88 -0.91 18.50
CA ARG A 216 55.84 -1.96 19.51
C ARG A 216 57.16 -1.84 20.28
N ASN A 217 57.17 -2.35 21.51
CA ASN A 217 58.33 -2.28 22.39
C ASN A 217 58.42 -0.87 22.96
N GLU A 218 58.72 0.11 22.11
CA GLU A 218 58.79 1.50 22.55
C GLU A 218 57.36 2.02 22.68
N CYS A 219 56.69 1.62 23.77
CA CYS A 219 55.31 2.05 24.02
C CYS A 219 55.01 1.90 25.51
N ASP B 1 -30.88 19.17 3.52
CA ASP B 1 -31.21 19.05 4.97
C ASP B 1 -31.67 17.64 5.28
N ILE B 2 -31.49 17.25 6.54
CA ILE B 2 -31.80 15.92 7.09
C ILE B 2 -30.64 15.03 6.74
N VAL B 3 -30.17 14.26 7.73
CA VAL B 3 -29.05 13.38 7.51
C VAL B 3 -29.51 11.95 7.70
N MET B 4 -29.38 11.15 6.66
CA MET B 4 -29.76 9.76 6.74
C MET B 4 -28.47 8.99 6.94
N THR B 5 -28.44 8.09 7.93
CA THR B 5 -27.25 7.30 8.21
C THR B 5 -27.50 5.80 8.06
N GLN B 6 -26.80 5.17 7.13
CA GLN B 6 -26.97 3.73 6.91
C GLN B 6 -25.88 2.89 7.56
N SER B 7 -26.24 1.65 7.88
CA SER B 7 -25.35 0.68 8.48
C SER B 7 -25.96 -0.70 8.27
N PRO B 8 -25.12 -1.71 7.95
CA PRO B 8 -23.66 -1.62 7.81
C PRO B 8 -23.21 -0.99 6.50
N LEU B 9 -21.91 -0.79 6.39
CA LEU B 9 -21.29 -0.20 5.20
C LEU B 9 -21.39 -1.22 4.05
N THR B 10 -21.27 -2.51 4.40
CA THR B 10 -21.35 -3.59 3.44
C THR B 10 -21.78 -4.79 4.27
N LEU B 11 -22.25 -5.85 3.63
CA LEU B 11 -22.63 -7.06 4.37
C LEU B 11 -22.70 -8.30 3.47
N SER B 12 -22.14 -9.40 3.96
CA SER B 12 -22.11 -10.66 3.23
C SER B 12 -23.23 -11.55 3.76
N VAL B 13 -23.97 -12.19 2.86
CA VAL B 13 -25.06 -13.07 3.25
C VAL B 13 -25.10 -14.34 2.41
N THR B 14 -25.03 -15.48 3.08
CA THR B 14 -25.08 -16.77 2.42
C THR B 14 -26.49 -16.91 1.87
N ILE B 15 -26.62 -17.12 0.57
CA ILE B 15 -27.94 -17.26 -0.06
C ILE B 15 -28.87 -18.16 0.75
N GLY B 16 -30.00 -17.61 1.17
CA GLY B 16 -30.95 -18.36 1.99
C GLY B 16 -31.11 -17.70 3.34
N GLN B 17 -30.04 -17.09 3.84
CA GLN B 17 -30.05 -16.40 5.12
C GLN B 17 -30.67 -15.01 4.95
N PRO B 18 -31.08 -14.36 6.05
CA PRO B 18 -31.68 -13.03 6.02
C PRO B 18 -30.64 -11.92 6.18
N ALA B 19 -31.12 -10.68 6.06
CA ALA B 19 -30.27 -9.51 6.20
C ALA B 19 -31.12 -8.33 6.66
N SER B 20 -30.51 -7.42 7.40
CA SER B 20 -31.23 -6.25 7.89
C SER B 20 -30.43 -4.94 7.71
N ILE B 21 -30.82 -4.14 6.73
CA ILE B 21 -30.15 -2.86 6.51
C ILE B 21 -30.88 -1.87 7.42
N SER B 22 -30.14 -0.94 8.02
CA SER B 22 -30.72 0.05 8.91
C SER B 22 -30.51 1.45 8.36
N CYS B 23 -31.45 2.33 8.63
CA CYS B 23 -31.39 3.71 8.17
C CYS B 23 -31.95 4.58 9.28
N LYS B 24 -31.08 5.35 9.92
CA LYS B 24 -31.51 6.26 10.98
C LYS B 24 -31.51 7.67 10.39
N SER B 25 -32.42 8.51 10.87
CA SER B 25 -32.54 9.87 10.33
C SER B 25 -32.23 10.94 11.37
N SER B 26 -31.87 12.14 10.93
CA SER B 26 -31.55 13.23 11.86
C SER B 26 -32.75 14.01 12.43
N GLN B 27 -33.92 13.86 11.81
CA GLN B 27 -35.13 14.56 12.24
C GLN B 27 -36.29 13.59 12.11
N SER B 28 -37.46 14.02 12.55
CA SER B 28 -38.65 13.17 12.42
C SER B 28 -39.09 13.23 10.96
N LEU B 29 -39.64 12.13 10.47
CA LEU B 29 -40.09 12.08 9.10
C LEU B 29 -41.61 12.03 8.95
N LEU B 30 -42.32 12.40 10.02
CA LEU B 30 -43.79 12.41 9.97
C LEU B 30 -44.26 13.75 9.46
N TYR B 31 -45.07 13.73 8.40
CA TYR B 31 -45.63 14.94 7.79
C TYR B 31 -46.97 15.29 8.43
N SER B 32 -47.43 16.52 8.21
CA SER B 32 -48.69 16.99 8.76
C SER B 32 -49.82 16.01 8.51
N ASN B 33 -49.88 15.47 7.29
CA ASN B 33 -50.92 14.51 6.93
C ASN B 33 -50.77 13.15 7.63
N GLY B 34 -49.86 13.07 8.60
CA GLY B 34 -49.64 11.84 9.32
C GLY B 34 -48.89 10.80 8.50
N LYS B 35 -48.34 11.23 7.37
CA LYS B 35 -47.61 10.33 6.48
C LYS B 35 -46.10 10.41 6.70
N THR B 36 -45.42 9.27 6.56
CA THR B 36 -43.98 9.20 6.71
C THR B 36 -43.42 8.82 5.34
N TYR B 37 -42.75 9.77 4.70
CA TYR B 37 -42.19 9.57 3.37
C TYR B 37 -40.76 9.01 3.38
N LEU B 38 -40.65 7.69 3.40
CA LEU B 38 -39.38 7.00 3.43
C LEU B 38 -39.42 5.87 2.42
N ASN B 39 -38.51 5.89 1.43
CA ASN B 39 -38.46 4.86 0.39
C ASN B 39 -37.10 4.15 0.35
N TRP B 40 -37.09 2.94 -0.20
CA TRP B 40 -35.87 2.14 -0.32
C TRP B 40 -35.57 1.80 -1.78
N LEU B 41 -34.38 2.17 -2.25
CA LEU B 41 -33.91 1.93 -3.64
C LEU B 41 -32.88 0.81 -3.70
N LEU B 42 -32.68 0.23 -4.87
CA LEU B 42 -31.73 -0.87 -5.01
C LEU B 42 -30.42 -0.58 -5.76
N GLN B 43 -30.49 -0.55 -7.09
CA GLN B 43 -29.33 -0.33 -7.97
C GLN B 43 -28.40 -1.55 -7.97
N ARG B 44 -28.60 -2.42 -8.96
CA ARG B 44 -27.79 -3.63 -9.11
C ARG B 44 -26.55 -3.24 -9.91
N PRO B 45 -25.55 -4.15 -10.00
CA PRO B 45 -24.34 -3.83 -10.77
C PRO B 45 -24.65 -3.47 -12.22
N GLY B 46 -24.20 -2.29 -12.63
CA GLY B 46 -24.41 -1.85 -14.00
C GLY B 46 -25.78 -1.33 -14.35
N GLN B 47 -26.61 -1.06 -13.36
CA GLN B 47 -27.94 -0.54 -13.63
C GLN B 47 -28.26 0.72 -12.83
N SER B 48 -29.38 1.35 -13.15
CA SER B 48 -29.80 2.56 -12.47
C SER B 48 -30.55 2.16 -11.23
N PRO B 49 -30.73 3.10 -10.28
CA PRO B 49 -31.45 2.79 -9.05
C PRO B 49 -32.92 2.49 -9.39
N LYS B 50 -33.58 1.71 -8.54
CA LYS B 50 -34.99 1.35 -8.76
C LYS B 50 -35.71 1.40 -7.43
N ARG B 51 -36.96 1.86 -7.43
CA ARG B 51 -37.72 1.90 -6.20
C ARG B 51 -38.21 0.51 -5.79
N LEU B 52 -38.07 0.20 -4.51
CA LEU B 52 -38.48 -1.08 -3.96
C LEU B 52 -39.66 -0.92 -2.99
N ILE B 53 -39.53 0.01 -2.06
CA ILE B 53 -40.55 0.25 -1.05
C ILE B 53 -40.79 1.74 -0.86
N TYR B 54 -42.06 2.14 -0.87
CA TYR B 54 -42.41 3.54 -0.65
C TYR B 54 -43.33 3.58 0.59
N LEU B 55 -43.39 4.74 1.23
CA LEU B 55 -44.21 4.93 2.42
C LEU B 55 -43.84 3.93 3.52
N VAL B 56 -42.54 3.77 3.74
CA VAL B 56 -41.98 2.90 4.77
C VAL B 56 -42.20 1.39 4.63
N SER B 57 -43.41 0.98 4.27
CA SER B 57 -43.71 -0.45 4.16
C SER B 57 -44.47 -0.91 2.91
N LYS B 58 -44.64 -0.04 1.93
CA LYS B 58 -45.36 -0.42 0.71
C LYS B 58 -44.47 -0.95 -0.42
N LEU B 59 -44.53 -2.26 -0.64
CA LEU B 59 -43.77 -2.93 -1.69
C LEU B 59 -44.26 -2.46 -3.04
N GLU B 60 -43.36 -2.29 -3.99
CA GLU B 60 -43.73 -1.86 -5.34
C GLU B 60 -44.12 -3.06 -6.17
N SER B 61 -44.80 -2.80 -7.28
CA SER B 61 -45.25 -3.87 -8.18
C SER B 61 -44.04 -4.63 -8.72
N GLY B 62 -43.93 -5.90 -8.35
CA GLY B 62 -42.81 -6.70 -8.83
C GLY B 62 -41.88 -7.13 -7.71
N VAL B 63 -41.85 -6.35 -6.63
CA VAL B 63 -41.00 -6.66 -5.49
C VAL B 63 -41.45 -7.95 -4.80
N PRO B 64 -40.49 -8.83 -4.45
CA PRO B 64 -40.78 -10.10 -3.78
C PRO B 64 -41.31 -9.96 -2.35
N ASP B 65 -42.10 -10.93 -1.94
CA ASP B 65 -42.69 -10.97 -0.60
C ASP B 65 -41.62 -11.18 0.48
N ARG B 66 -40.37 -11.29 0.05
CA ARG B 66 -39.25 -11.49 0.97
C ARG B 66 -38.73 -10.19 1.57
N PHE B 67 -39.03 -9.08 0.91
CA PHE B 67 -38.61 -7.77 1.37
C PHE B 67 -39.63 -7.19 2.36
N THR B 68 -39.14 -6.57 3.43
CA THR B 68 -40.01 -6.01 4.45
C THR B 68 -39.58 -4.61 4.83
N GLY B 69 -40.50 -3.65 4.67
CA GLY B 69 -40.20 -2.28 5.02
C GLY B 69 -40.72 -2.03 6.42
N SER B 70 -39.99 -1.25 7.21
CA SER B 70 -40.41 -0.98 8.57
C SER B 70 -39.73 0.25 9.14
N GLY B 71 -40.10 0.57 10.38
CA GLY B 71 -39.53 1.73 11.04
C GLY B 71 -40.56 2.49 11.86
N SER B 72 -40.09 3.55 12.52
CA SER B 72 -40.92 4.41 13.35
C SER B 72 -40.08 5.53 14.00
N GLY B 73 -40.53 6.77 13.82
CA GLY B 73 -39.83 7.90 14.39
C GLY B 73 -38.63 8.29 13.56
N THR B 74 -37.45 7.81 13.95
CA THR B 74 -36.23 8.12 13.23
C THR B 74 -35.44 6.86 12.84
N ASP B 75 -35.90 5.70 13.27
CA ASP B 75 -35.25 4.44 12.95
C ASP B 75 -36.01 3.68 11.89
N PHE B 76 -35.36 3.35 10.79
CA PHE B 76 -36.02 2.60 9.73
C PHE B 76 -35.25 1.34 9.36
N THR B 77 -35.98 0.31 8.96
CA THR B 77 -35.39 -0.99 8.66
C THR B 77 -35.96 -1.71 7.45
N LEU B 78 -35.06 -2.24 6.63
CA LEU B 78 -35.39 -3.02 5.44
C LEU B 78 -34.91 -4.42 5.77
N LYS B 79 -35.83 -5.38 5.75
CA LYS B 79 -35.49 -6.77 6.07
C LYS B 79 -35.72 -7.70 4.89
N ILE B 80 -34.76 -8.57 4.64
CA ILE B 80 -34.86 -9.54 3.57
C ILE B 80 -34.84 -10.89 4.29
N SER B 81 -35.91 -11.65 4.15
CA SER B 81 -36.03 -12.94 4.80
C SER B 81 -35.10 -14.00 4.23
N ARG B 82 -35.26 -14.29 2.95
CA ARG B 82 -34.45 -15.28 2.26
C ARG B 82 -33.72 -14.58 1.13
N VAL B 83 -32.41 -14.44 1.26
CA VAL B 83 -31.61 -13.78 0.24
C VAL B 83 -31.32 -14.69 -0.95
N GLU B 84 -31.69 -14.20 -2.13
CA GLU B 84 -31.49 -14.91 -3.38
C GLU B 84 -30.35 -14.19 -4.09
N ALA B 85 -29.70 -14.90 -5.01
CA ALA B 85 -28.57 -14.35 -5.76
C ALA B 85 -28.81 -13.01 -6.45
N ALA B 86 -30.03 -12.82 -6.95
CA ALA B 86 -30.39 -11.60 -7.67
C ALA B 86 -30.51 -10.31 -6.85
N ASP B 87 -30.42 -10.41 -5.52
CA ASP B 87 -30.54 -9.23 -4.66
C ASP B 87 -29.23 -8.47 -4.47
N LEU B 88 -28.23 -8.84 -5.26
CA LEU B 88 -26.93 -8.19 -5.21
C LEU B 88 -27.16 -6.72 -5.52
N GLY B 89 -26.55 -5.83 -4.75
CA GLY B 89 -26.72 -4.43 -5.04
C GLY B 89 -26.31 -3.52 -3.92
N VAL B 90 -26.58 -2.22 -4.10
CA VAL B 90 -26.24 -1.23 -3.10
C VAL B 90 -27.51 -0.51 -2.68
N TYR B 91 -28.18 -1.05 -1.67
CA TYR B 91 -29.43 -0.47 -1.15
C TYR B 91 -29.29 0.95 -0.61
N TYR B 92 -30.24 1.81 -0.96
CA TYR B 92 -30.24 3.20 -0.51
C TYR B 92 -31.58 3.58 0.13
N CYS B 93 -31.58 4.50 1.08
CA CYS B 93 -32.81 4.96 1.71
C CYS B 93 -32.93 6.46 1.50
N VAL B 94 -34.12 6.89 1.08
CA VAL B 94 -34.36 8.31 0.80
C VAL B 94 -35.53 8.84 1.61
N GLN B 95 -35.33 9.98 2.27
CA GLN B 95 -36.38 10.61 3.06
C GLN B 95 -36.97 11.67 2.13
N GLY B 96 -38.29 11.78 2.10
CA GLY B 96 -38.92 12.77 1.25
C GLY B 96 -39.79 13.75 2.01
N THR B 97 -39.78 13.64 3.33
CA THR B 97 -40.59 14.50 4.18
C THR B 97 -40.14 15.95 4.23
N HIS B 98 -38.85 16.19 4.00
CA HIS B 98 -38.32 17.54 4.05
C HIS B 98 -37.68 17.86 2.71
N PHE B 99 -38.05 19.00 2.13
CA PHE B 99 -37.60 19.37 0.79
C PHE B 99 -36.30 18.84 0.19
N PRO B 100 -35.13 19.31 0.67
CA PRO B 100 -33.96 18.72 0.02
C PRO B 100 -33.92 17.23 0.33
N TYR B 101 -34.52 16.45 -0.55
CA TYR B 101 -34.58 15.01 -0.39
C TYR B 101 -33.14 14.56 -0.18
N THR B 102 -32.91 13.65 0.76
CA THR B 102 -31.57 13.18 1.03
C THR B 102 -31.49 11.66 1.06
N PHE B 103 -30.35 11.12 0.64
CA PHE B 103 -30.17 9.67 0.57
C PHE B 103 -29.26 9.16 1.69
N GLY B 104 -29.20 7.84 1.80
CA GLY B 104 -28.32 7.22 2.77
C GLY B 104 -27.06 7.01 1.96
N GLY B 105 -26.04 6.40 2.54
CA GLY B 105 -24.82 6.18 1.78
C GLY B 105 -24.78 4.82 1.09
N GLY B 106 -25.85 4.06 1.20
CA GLY B 106 -25.88 2.76 0.58
C GLY B 106 -25.21 1.72 1.47
N THR B 107 -25.63 0.48 1.30
CA THR B 107 -25.09 -0.65 2.05
C THR B 107 -24.85 -1.65 0.94
N LYS B 108 -23.63 -2.15 0.81
CA LYS B 108 -23.40 -3.10 -0.28
C LYS B 108 -23.64 -4.52 0.14
N LEU B 109 -24.54 -5.19 -0.58
CA LEU B 109 -24.84 -6.58 -0.29
C LEU B 109 -23.86 -7.44 -1.10
N GLU B 110 -23.36 -8.50 -0.47
CA GLU B 110 -22.44 -9.44 -1.12
C GLU B 110 -22.99 -10.85 -0.87
N ILE B 111 -23.30 -11.57 -1.93
CA ILE B 111 -23.84 -12.93 -1.81
C ILE B 111 -22.72 -13.91 -1.44
N LEU B 112 -22.78 -14.49 -0.25
CA LEU B 112 -21.77 -15.46 0.15
C LEU B 112 -22.09 -16.74 -0.61
N ARG B 113 -21.10 -17.24 -1.33
CA ARG B 113 -21.24 -18.43 -2.17
C ARG B 113 -20.23 -19.51 -1.76
N ALA B 114 -20.46 -20.74 -2.21
CA ALA B 114 -19.55 -21.84 -1.92
C ALA B 114 -18.33 -21.69 -2.83
N ASP B 115 -17.15 -22.11 -2.36
CA ASP B 115 -15.92 -22.00 -3.15
C ASP B 115 -16.04 -22.55 -4.58
N ALA B 116 -15.30 -21.92 -5.50
CA ALA B 116 -15.29 -22.31 -6.92
C ALA B 116 -13.93 -21.94 -7.52
N ALA B 117 -13.28 -22.90 -8.16
CA ALA B 117 -11.98 -22.70 -8.80
C ALA B 117 -12.16 -22.06 -10.17
N PRO B 118 -11.28 -21.08 -10.52
CA PRO B 118 -11.29 -20.35 -11.79
C PRO B 118 -10.81 -21.11 -13.00
N THR B 119 -10.86 -20.42 -14.14
CA THR B 119 -10.43 -20.93 -15.42
C THR B 119 -9.40 -19.93 -15.92
N VAL B 120 -8.13 -20.34 -15.93
CA VAL B 120 -7.04 -19.48 -16.37
C VAL B 120 -6.82 -19.51 -17.88
N SER B 121 -6.44 -18.37 -18.45
CA SER B 121 -6.16 -18.20 -19.87
C SER B 121 -5.05 -17.16 -19.99
N ILE B 122 -3.92 -17.54 -20.59
CA ILE B 122 -2.78 -16.64 -20.76
C ILE B 122 -2.64 -16.32 -22.24
N PHE B 123 -2.31 -15.07 -22.56
CA PHE B 123 -2.17 -14.63 -23.94
C PHE B 123 -0.85 -13.93 -24.16
N PRO B 124 -0.13 -14.28 -25.25
CA PRO B 124 1.16 -13.66 -25.54
C PRO B 124 0.90 -12.28 -26.12
N PRO B 125 1.89 -11.36 -26.03
CA PRO B 125 1.71 -10.01 -26.58
C PRO B 125 1.39 -10.10 -28.06
N SER B 126 0.62 -9.15 -28.56
CA SER B 126 0.29 -9.13 -29.97
C SER B 126 1.49 -8.56 -30.71
N SER B 127 1.78 -9.13 -31.88
CA SER B 127 2.90 -8.68 -32.70
C SER B 127 2.77 -7.18 -32.96
N GLU B 128 1.52 -6.75 -33.11
CA GLU B 128 1.20 -5.35 -33.35
C GLU B 128 1.78 -4.51 -32.21
N GLN B 129 1.60 -4.98 -30.98
CA GLN B 129 2.12 -4.24 -29.82
C GLN B 129 3.64 -4.22 -29.81
N LEU B 130 4.24 -5.35 -30.15
CA LEU B 130 5.70 -5.47 -30.17
C LEU B 130 6.38 -4.46 -31.09
N THR B 131 5.68 -4.02 -32.14
CA THR B 131 6.27 -3.05 -33.07
C THR B 131 6.38 -1.65 -32.45
N SER B 132 5.70 -1.44 -31.34
CA SER B 132 5.74 -0.15 -30.65
C SER B 132 6.73 -0.19 -29.47
N GLY B 133 7.37 -1.34 -29.27
CA GLY B 133 8.34 -1.48 -28.20
C GLY B 133 7.84 -1.81 -26.81
N GLY B 134 6.63 -2.37 -26.72
CA GLY B 134 6.07 -2.71 -25.43
C GLY B 134 5.57 -4.13 -25.48
N ALA B 135 5.12 -4.67 -24.36
CA ALA B 135 4.61 -6.03 -24.34
C ALA B 135 3.74 -6.29 -23.12
N SER B 136 2.49 -6.64 -23.37
CA SER B 136 1.56 -6.93 -22.30
C SER B 136 1.08 -8.36 -22.42
N VAL B 137 1.51 -9.21 -21.49
CA VAL B 137 1.10 -10.61 -21.46
C VAL B 137 -0.16 -10.63 -20.55
N VAL B 138 -1.30 -11.01 -21.11
CA VAL B 138 -2.55 -11.02 -20.36
C VAL B 138 -2.97 -12.41 -19.92
N CYS B 139 -3.57 -12.49 -18.73
CA CYS B 139 -4.05 -13.76 -18.17
C CYS B 139 -5.43 -13.52 -17.57
N PHE B 140 -6.44 -14.13 -18.16
CA PHE B 140 -7.81 -14.00 -17.65
C PHE B 140 -8.15 -15.13 -16.69
N LEU B 141 -8.52 -14.75 -15.48
CA LEU B 141 -8.94 -15.70 -14.45
C LEU B 141 -10.41 -15.44 -14.19
N ASN B 142 -11.29 -16.33 -14.63
CA ASN B 142 -12.68 -16.07 -14.37
C ASN B 142 -13.61 -17.20 -13.95
N ASN B 143 -14.70 -16.78 -13.32
CA ASN B 143 -15.75 -17.63 -12.78
C ASN B 143 -15.27 -18.27 -11.49
N PHE B 144 -14.94 -17.45 -10.50
CA PHE B 144 -14.45 -17.98 -9.22
C PHE B 144 -15.05 -17.31 -7.99
N TYR B 145 -14.92 -18.02 -6.87
CA TYR B 145 -15.39 -17.55 -5.58
C TYR B 145 -14.48 -18.25 -4.57
N PRO B 146 -14.07 -17.54 -3.49
CA PRO B 146 -14.35 -16.17 -3.06
C PRO B 146 -13.73 -15.13 -3.99
N LYS B 147 -13.68 -13.88 -3.55
CA LYS B 147 -13.13 -12.80 -4.37
C LYS B 147 -11.61 -12.87 -4.37
N ASP B 148 -10.99 -12.14 -3.45
CA ASP B 148 -9.54 -12.09 -3.34
C ASP B 148 -8.81 -13.42 -3.53
N ILE B 149 -8.16 -13.54 -4.70
CA ILE B 149 -7.40 -14.73 -5.08
C ILE B 149 -5.97 -14.26 -5.35
N ASN B 150 -5.01 -15.18 -5.28
CA ASN B 150 -3.61 -14.85 -5.49
C ASN B 150 -3.09 -15.35 -6.84
N VAL B 151 -2.69 -14.41 -7.70
CA VAL B 151 -2.17 -14.74 -9.03
C VAL B 151 -0.67 -14.51 -9.04
N LYS B 152 0.06 -15.49 -9.56
CA LYS B 152 1.52 -15.43 -9.60
C LYS B 152 2.10 -15.50 -11.00
N TRP B 153 2.96 -14.53 -11.31
CA TRP B 153 3.63 -14.46 -12.61
C TRP B 153 5.07 -14.93 -12.43
N LYS B 154 5.42 -16.01 -13.13
CA LYS B 154 6.76 -16.57 -13.07
C LYS B 154 7.42 -16.56 -14.44
N ILE B 155 8.24 -15.53 -14.67
CA ILE B 155 8.96 -15.34 -15.93
C ILE B 155 10.28 -16.12 -15.94
N ASP B 156 10.46 -16.95 -16.95
CA ASP B 156 11.67 -17.75 -17.10
C ASP B 156 11.96 -18.51 -15.80
N GLY B 157 10.95 -19.22 -15.31
CA GLY B 157 11.10 -19.98 -14.09
C GLY B 157 11.29 -19.19 -12.79
N SER B 158 11.50 -17.88 -12.86
CA SER B 158 11.72 -17.12 -11.64
C SER B 158 10.50 -16.25 -11.29
N GLU B 159 10.65 -15.42 -10.26
CA GLU B 159 9.61 -14.51 -9.75
C GLU B 159 8.92 -13.64 -10.80
N ARG B 160 8.35 -12.52 -10.32
CA ARG B 160 7.66 -11.54 -11.18
C ARG B 160 8.73 -10.83 -11.98
N GLN B 161 8.26 -9.86 -12.75
CA GLN B 161 9.11 -8.95 -13.49
C GLN B 161 8.32 -7.94 -14.29
N ASN B 162 8.83 -6.71 -14.25
CA ASN B 162 8.22 -5.56 -14.93
C ASN B 162 6.74 -5.29 -14.56
N GLY B 163 6.46 -5.22 -13.25
CA GLY B 163 5.13 -4.91 -12.72
C GLY B 163 3.77 -5.29 -13.31
N VAL B 164 2.97 -5.96 -12.46
CA VAL B 164 1.63 -6.46 -12.77
C VAL B 164 0.49 -5.50 -12.37
N LEU B 165 -0.62 -5.55 -13.11
CA LEU B 165 -1.80 -4.73 -12.84
C LEU B 165 -3.02 -5.67 -12.87
N ASN B 166 -3.88 -5.58 -11.84
CA ASN B 166 -5.04 -6.47 -11.71
C ASN B 166 -6.39 -5.77 -11.70
N SER B 167 -7.44 -6.51 -12.04
CA SER B 167 -8.80 -5.96 -12.10
C SER B 167 -9.91 -7.01 -12.05
N TRP B 168 -10.79 -6.87 -11.06
CA TRP B 168 -11.93 -7.77 -10.84
C TRP B 168 -13.19 -7.11 -11.35
N THR B 169 -14.24 -7.91 -11.49
CA THR B 169 -15.54 -7.42 -11.92
C THR B 169 -16.51 -7.53 -10.74
N ASP B 170 -17.76 -7.19 -10.99
CA ASP B 170 -18.79 -7.27 -9.98
C ASP B 170 -19.26 -8.73 -9.97
N GLN B 171 -19.88 -9.13 -8.86
CA GLN B 171 -20.38 -10.49 -8.68
C GLN B 171 -21.52 -10.67 -9.68
N ASP B 172 -21.64 -11.86 -10.26
CA ASP B 172 -22.72 -12.06 -11.21
C ASP B 172 -24.06 -12.31 -10.49
N SER B 173 -25.02 -11.43 -10.70
CA SER B 173 -26.34 -11.56 -10.09
C SER B 173 -27.13 -12.53 -10.95
N LYS B 174 -26.59 -13.74 -11.03
CA LYS B 174 -27.09 -14.86 -11.82
C LYS B 174 -25.82 -15.62 -11.52
N ASP B 175 -25.93 -16.73 -10.79
CA ASP B 175 -24.74 -17.46 -10.34
C ASP B 175 -24.19 -16.44 -9.32
N SER B 176 -22.94 -16.54 -8.92
CA SER B 176 -22.40 -15.57 -7.96
C SER B 176 -20.90 -15.57 -7.89
N THR B 177 -20.26 -15.76 -9.04
CA THR B 177 -18.81 -15.80 -9.10
C THR B 177 -18.21 -14.44 -9.47
N TYR B 178 -16.91 -14.45 -9.71
CA TYR B 178 -16.18 -13.26 -10.08
C TYR B 178 -15.35 -13.50 -11.35
N SER B 179 -14.55 -12.50 -11.70
CA SER B 179 -13.68 -12.56 -12.87
C SER B 179 -12.63 -11.46 -12.73
N MET B 180 -11.40 -11.81 -13.04
CA MET B 180 -10.28 -10.90 -12.94
C MET B 180 -9.39 -11.04 -14.18
N SER B 181 -8.62 -9.99 -14.46
CA SER B 181 -7.71 -9.99 -15.58
C SER B 181 -6.40 -9.48 -15.02
N SER B 182 -5.33 -10.26 -15.18
CA SER B 182 -4.01 -9.85 -14.69
C SER B 182 -3.15 -9.53 -15.88
N THR B 183 -2.60 -8.32 -15.91
CA THR B 183 -1.77 -7.90 -17.02
C THR B 183 -0.32 -7.61 -16.64
N LEU B 184 0.59 -8.38 -17.23
CA LEU B 184 2.03 -8.21 -17.00
C LEU B 184 2.57 -7.38 -18.16
N THR B 185 3.06 -6.17 -17.87
CA THR B 185 3.58 -5.32 -18.94
C THR B 185 5.09 -5.10 -18.83
N LEU B 186 5.83 -5.76 -19.72
CA LEU B 186 7.30 -5.64 -19.78
C LEU B 186 7.58 -4.80 -21.02
N THR B 187 8.82 -4.38 -21.21
CA THR B 187 9.19 -3.63 -22.41
C THR B 187 9.54 -4.70 -23.44
N LYS B 188 9.77 -4.28 -24.67
CA LYS B 188 10.12 -5.22 -25.70
C LYS B 188 11.42 -5.96 -25.36
N ASP B 189 12.41 -5.23 -24.84
CA ASP B 189 13.70 -5.82 -24.47
C ASP B 189 13.56 -7.02 -23.52
N GLU B 190 12.96 -6.76 -22.36
CA GLU B 190 12.76 -7.76 -21.34
C GLU B 190 12.04 -8.98 -21.81
N TYR B 191 11.06 -8.77 -22.68
CA TYR B 191 10.27 -9.87 -23.19
C TYR B 191 11.14 -10.76 -24.08
N GLU B 192 11.91 -10.13 -24.96
CA GLU B 192 12.79 -10.81 -25.90
C GLU B 192 13.99 -11.52 -25.27
N ARG B 193 14.14 -11.43 -23.95
CA ARG B 193 15.25 -12.08 -23.26
C ARG B 193 14.87 -13.34 -22.51
N HIS B 194 13.59 -13.48 -22.19
CA HIS B 194 13.14 -14.66 -21.46
C HIS B 194 12.21 -15.41 -22.40
N ASN B 195 12.00 -16.69 -22.14
CA ASN B 195 11.15 -17.46 -23.04
C ASN B 195 9.94 -18.17 -22.43
N SER B 196 10.00 -18.52 -21.15
CA SER B 196 8.87 -19.21 -20.52
C SER B 196 8.07 -18.24 -19.64
N TYR B 197 6.77 -18.10 -19.90
CA TYR B 197 5.93 -17.23 -19.08
C TYR B 197 4.77 -18.02 -18.50
N THR B 198 4.61 -17.95 -17.18
CA THR B 198 3.54 -18.68 -16.50
C THR B 198 2.59 -17.82 -15.66
N CYS B 199 1.38 -18.34 -15.48
CA CYS B 199 0.31 -17.72 -14.71
C CYS B 199 -0.26 -18.79 -13.79
N GLU B 200 0.09 -18.69 -12.51
CA GLU B 200 -0.38 -19.62 -11.48
C GLU B 200 -1.48 -18.94 -10.67
N ALA B 201 -2.36 -19.75 -10.08
CA ALA B 201 -3.44 -19.21 -9.27
C ALA B 201 -3.64 -19.98 -7.95
N THR B 202 -3.28 -19.33 -6.84
CA THR B 202 -3.43 -19.92 -5.51
C THR B 202 -4.82 -19.65 -4.94
N HIS B 203 -5.59 -20.71 -4.72
CA HIS B 203 -6.93 -20.58 -4.19
C HIS B 203 -6.82 -20.23 -2.70
N LYS B 204 -6.68 -18.93 -2.43
CA LYS B 204 -6.56 -18.39 -1.08
C LYS B 204 -5.15 -18.65 -0.53
N THR B 205 -4.81 -19.90 -0.25
CA THR B 205 -3.49 -20.22 0.31
C THR B 205 -2.83 -21.44 -0.34
N SER B 206 -1.65 -21.81 0.16
CA SER B 206 -0.86 -22.98 -0.30
C SER B 206 0.05 -22.75 -1.53
N THR B 207 0.57 -23.85 -2.09
CA THR B 207 1.43 -23.81 -3.27
C THR B 207 0.62 -23.79 -4.57
N SER B 208 0.60 -22.61 -5.17
CA SER B 208 -0.13 -22.29 -6.40
C SER B 208 -0.27 -23.25 -7.57
N PRO B 209 -1.45 -23.91 -7.68
CA PRO B 209 -1.68 -24.84 -8.78
C PRO B 209 -2.45 -24.01 -9.81
N ILE B 210 -3.20 -24.67 -10.70
CA ILE B 210 -3.96 -23.96 -11.74
C ILE B 210 -3.02 -23.00 -12.48
N VAL B 211 -2.14 -23.62 -13.26
CA VAL B 211 -1.12 -22.89 -14.02
C VAL B 211 -1.33 -23.02 -15.52
N LYS B 212 -1.16 -21.91 -16.23
CA LYS B 212 -1.28 -21.88 -17.68
C LYS B 212 -0.03 -21.14 -18.11
N SER B 213 0.54 -21.54 -19.24
CA SER B 213 1.75 -20.89 -19.73
C SER B 213 2.04 -21.16 -21.20
N PHE B 214 2.86 -20.29 -21.79
CA PHE B 214 3.24 -20.42 -23.18
C PHE B 214 4.75 -20.26 -23.27
N ASN B 215 5.30 -20.60 -24.41
CA ASN B 215 6.74 -20.49 -24.60
C ASN B 215 6.99 -19.59 -25.80
N ARG B 216 7.78 -18.54 -25.56
CA ARG B 216 8.13 -17.60 -26.60
C ARG B 216 8.95 -18.37 -27.61
N ASN B 217 8.99 -17.89 -28.85
CA ASN B 217 9.72 -18.54 -29.94
C ASN B 217 8.89 -19.71 -30.43
N GLU B 218 8.75 -20.74 -29.60
CA GLU B 218 7.95 -21.91 -29.94
C GLU B 218 6.47 -21.56 -29.76
N CYS B 219 5.92 -20.79 -30.70
CA CYS B 219 4.53 -20.37 -30.64
C CYS B 219 4.04 -20.00 -32.05
N ALA C 1 2.41 11.75 28.98
CA ALA C 1 3.46 11.42 27.98
C ALA C 1 3.18 10.00 27.55
N VAL C 2 3.06 9.75 26.25
CA VAL C 2 2.76 8.39 25.77
C VAL C 2 4.04 7.63 25.52
N LYS C 3 4.11 6.43 26.09
CA LYS C 3 5.26 5.56 25.96
C LYS C 3 4.83 4.12 25.70
N LEU C 4 5.51 3.45 24.78
CA LEU C 4 5.25 2.05 24.47
C LEU C 4 6.59 1.36 24.68
N GLN C 5 6.64 0.41 25.60
CA GLN C 5 7.87 -0.30 25.93
C GLN C 5 7.75 -1.77 25.60
N GLN C 6 8.73 -2.29 24.87
CA GLN C 6 8.72 -3.68 24.47
C GLN C 6 9.73 -4.57 25.20
N SER C 7 9.51 -5.87 25.10
CA SER C 7 10.34 -6.91 25.69
C SER C 7 11.78 -6.84 25.17
N GLY C 8 12.67 -7.56 25.84
CA GLY C 8 14.07 -7.59 25.45
C GLY C 8 14.36 -8.61 24.36
N PRO C 9 15.61 -8.62 23.84
CA PRO C 9 16.10 -9.52 22.78
C PRO C 9 16.00 -11.00 23.10
N GLU C 10 15.17 -11.70 22.34
CA GLU C 10 14.96 -13.14 22.53
C GLU C 10 15.83 -14.01 21.61
N LEU C 11 16.31 -15.13 22.14
CA LEU C 11 17.12 -16.08 21.39
C LEU C 11 16.33 -17.34 21.65
N VAL C 12 15.78 -17.95 20.61
CA VAL C 12 14.98 -19.14 20.81
C VAL C 12 15.43 -20.28 19.94
N ARG C 13 15.27 -21.49 20.46
CA ARG C 13 15.64 -22.70 19.72
C ARG C 13 14.48 -22.97 18.77
N PRO C 14 14.78 -23.44 17.54
CA PRO C 14 13.72 -23.72 16.56
C PRO C 14 12.61 -24.62 17.14
N GLY C 15 11.41 -24.51 16.58
CA GLY C 15 10.30 -25.31 17.04
C GLY C 15 9.66 -24.92 18.36
N THR C 16 10.35 -24.14 19.17
CA THR C 16 9.79 -23.73 20.44
C THR C 16 8.87 -22.53 20.24
N SER C 17 8.69 -21.70 21.28
CA SER C 17 7.82 -20.54 21.18
C SER C 17 8.25 -19.41 22.12
N VAL C 18 7.85 -18.19 21.78
CA VAL C 18 8.15 -17.00 22.58
C VAL C 18 6.93 -16.11 22.67
N LYS C 19 6.89 -15.26 23.69
CA LYS C 19 5.78 -14.33 23.86
C LYS C 19 6.39 -12.94 24.11
N LEU C 20 6.15 -12.02 23.18
CA LEU C 20 6.66 -10.65 23.27
C LEU C 20 5.64 -9.78 24.00
N SER C 21 6.03 -8.60 24.47
CA SER C 21 5.09 -7.75 25.19
C SER C 21 5.26 -6.28 24.88
N CYS C 22 4.16 -5.53 24.91
CA CYS C 22 4.18 -4.10 24.61
C CYS C 22 3.41 -3.44 25.75
N LYS C 23 4.12 -2.75 26.64
CA LYS C 23 3.51 -2.08 27.79
C LYS C 23 3.26 -0.60 27.53
N THR C 24 1.99 -0.22 27.54
CA THR C 24 1.62 1.16 27.28
C THR C 24 1.50 2.02 28.53
N SER C 25 1.57 3.33 28.35
CA SER C 25 1.45 4.29 29.43
C SER C 25 1.33 5.69 28.86
N GLY C 26 0.53 6.54 29.51
CA GLY C 26 0.37 7.89 29.02
C GLY C 26 -0.95 8.13 28.31
N TYR C 27 -1.59 7.06 27.88
CA TYR C 27 -2.84 7.18 27.18
C TYR C 27 -3.77 6.10 27.72
N ILE C 28 -5.04 6.14 27.32
CA ILE C 28 -6.02 5.17 27.81
C ILE C 28 -6.05 3.87 26.99
N PHE C 29 -5.23 2.93 27.42
CA PHE C 29 -5.04 1.61 26.83
C PHE C 29 -6.19 0.99 26.02
N THR C 30 -7.32 0.76 26.68
CA THR C 30 -8.48 0.13 26.05
C THR C 30 -9.25 0.91 24.97
N SER C 31 -8.90 2.17 24.73
CA SER C 31 -9.58 2.99 23.73
C SER C 31 -8.90 3.03 22.37
N TYR C 32 -7.87 2.22 22.17
CA TYR C 32 -7.15 2.23 20.91
C TYR C 32 -6.64 0.87 20.43
N TRP C 33 -6.56 0.72 19.12
CA TRP C 33 -6.05 -0.50 18.50
C TRP C 33 -4.54 -0.51 18.55
N ILE C 34 -3.96 -1.68 18.80
CA ILE C 34 -2.50 -1.84 18.83
C ILE C 34 -2.12 -2.79 17.71
N HIS C 35 -1.25 -2.31 16.82
CA HIS C 35 -0.76 -3.06 15.66
C HIS C 35 0.65 -3.62 15.89
N TRP C 36 0.91 -4.80 15.36
CA TRP C 36 2.23 -5.44 15.49
C TRP C 36 2.86 -5.64 14.10
N LEU C 37 4.13 -5.27 13.95
CA LEU C 37 4.82 -5.40 12.66
C LEU C 37 6.09 -6.24 12.67
N LYS C 38 6.44 -6.79 11.51
CA LYS C 38 7.64 -7.59 11.36
C LYS C 38 8.60 -6.91 10.39
N GLN C 39 9.83 -6.67 10.80
CA GLN C 39 10.81 -6.05 9.91
C GLN C 39 11.96 -7.05 9.74
N SER C 40 11.87 -7.84 8.68
CA SER C 40 12.87 -8.86 8.41
C SER C 40 13.77 -8.36 7.30
N SER C 41 14.85 -9.09 7.05
CA SER C 41 15.77 -8.73 5.99
C SER C 41 15.18 -9.40 4.73
N GLY C 42 15.35 -8.79 3.57
CA GLY C 42 14.77 -9.37 2.37
C GLY C 42 13.27 -9.15 2.40
N GLN C 43 12.58 -9.90 3.24
CA GLN C 43 11.13 -9.80 3.42
C GLN C 43 10.79 -8.32 3.61
N GLY C 44 11.26 -7.73 4.70
CA GLY C 44 11.05 -6.31 4.96
C GLY C 44 9.67 -5.71 5.14
N LEU C 45 9.36 -5.37 6.39
CA LEU C 45 8.09 -4.75 6.76
C LEU C 45 6.79 -5.38 6.27
N GLU C 46 6.20 -6.17 7.16
CA GLU C 46 4.94 -6.85 6.93
C GLU C 46 4.02 -6.51 8.10
N TRP C 47 2.74 -6.38 7.82
CA TRP C 47 1.74 -6.08 8.85
C TRP C 47 1.28 -7.45 9.38
N ILE C 48 1.37 -7.67 10.69
CA ILE C 48 1.01 -8.97 11.28
C ILE C 48 -0.42 -9.13 11.79
N ALA C 49 -0.82 -8.26 12.72
CA ALA C 49 -2.15 -8.31 13.32
C ALA C 49 -2.39 -7.06 14.15
N ARG C 50 -3.59 -6.94 14.69
CA ARG C 50 -3.96 -5.79 15.51
C ARG C 50 -4.97 -6.24 16.56
N ILE C 51 -5.06 -5.50 17.67
CA ILE C 51 -5.99 -5.84 18.73
C ILE C 51 -6.61 -4.61 19.38
N TYR C 52 -7.88 -4.72 19.74
CA TYR C 52 -8.56 -3.63 20.43
C TYR C 52 -8.75 -4.14 21.85
N PRO C 53 -7.91 -3.67 22.79
CA PRO C 53 -7.92 -4.04 24.21
C PRO C 53 -9.26 -3.85 24.92
N GLY C 54 -10.04 -2.88 24.47
CA GLY C 54 -11.34 -2.62 25.06
C GLY C 54 -12.25 -3.80 24.91
N THR C 55 -12.43 -4.27 23.68
CA THR C 55 -13.30 -5.40 23.39
C THR C 55 -12.59 -6.73 23.21
N GLY C 56 -11.27 -6.69 23.14
CA GLY C 56 -10.51 -7.92 22.95
C GLY C 56 -10.61 -8.50 21.55
N GLY C 57 -11.15 -7.72 20.61
CA GLY C 57 -11.29 -8.19 19.25
C GLY C 57 -10.01 -8.05 18.44
N THR C 58 -9.61 -9.12 17.76
CA THR C 58 -8.38 -9.11 16.96
C THR C 58 -8.63 -9.20 15.46
N TYR C 59 -7.56 -9.07 14.69
CA TYR C 59 -7.59 -9.16 13.23
C TYR C 59 -6.22 -9.68 12.84
N TYR C 60 -6.16 -10.69 11.99
CA TYR C 60 -4.87 -11.26 11.61
C TYR C 60 -4.65 -11.27 10.11
N ASN C 61 -3.43 -10.91 9.73
CA ASN C 61 -3.03 -10.90 8.33
C ASN C 61 -3.04 -12.38 8.01
N GLU C 62 -3.72 -12.78 6.94
CA GLU C 62 -3.81 -14.20 6.58
C GLU C 62 -2.49 -14.97 6.62
N LYS C 63 -1.40 -14.29 6.26
CA LYS C 63 -0.06 -14.89 6.20
C LYS C 63 0.50 -15.32 7.56
N PHE C 64 0.01 -14.72 8.65
CA PHE C 64 0.51 -15.06 9.98
C PHE C 64 -0.55 -15.71 10.86
N LYS C 65 -1.66 -16.13 10.25
CA LYS C 65 -2.75 -16.77 10.96
C LYS C 65 -2.31 -18.17 11.39
N GLY C 66 -2.17 -18.39 12.70
CA GLY C 66 -1.73 -19.68 13.19
C GLY C 66 -0.28 -19.67 13.67
N LYS C 67 0.37 -18.52 13.53
CA LYS C 67 1.76 -18.33 13.95
C LYS C 67 1.77 -17.35 15.11
N ALA C 68 1.10 -16.22 14.92
CA ALA C 68 1.01 -15.18 15.93
C ALA C 68 -0.37 -15.19 16.59
N THR C 69 -0.41 -14.78 17.86
CA THR C 69 -1.63 -14.73 18.65
C THR C 69 -1.55 -13.49 19.54
N LEU C 70 -2.58 -12.65 19.51
CA LEU C 70 -2.54 -11.44 20.33
C LEU C 70 -3.46 -11.54 21.54
N THR C 71 -3.08 -10.83 22.60
CA THR C 71 -3.83 -10.79 23.85
C THR C 71 -3.53 -9.43 24.51
N ALA C 72 -4.21 -9.11 25.61
CA ALA C 72 -3.96 -7.85 26.29
C ALA C 72 -4.30 -7.98 27.76
N ASP C 73 -3.60 -7.22 28.60
CA ASP C 73 -3.83 -7.25 30.03
C ASP C 73 -4.25 -5.84 30.44
N LYS C 74 -5.54 -5.70 30.73
CA LYS C 74 -6.13 -4.41 31.09
C LYS C 74 -5.51 -3.75 32.30
N SER C 75 -5.33 -4.52 33.38
CA SER C 75 -4.75 -4.02 34.62
C SER C 75 -3.38 -3.38 34.45
N SER C 76 -2.53 -4.06 33.69
CA SER C 76 -1.17 -3.60 33.45
C SER C 76 -1.00 -2.74 32.19
N SER C 77 -2.01 -2.76 31.33
CA SER C 77 -1.97 -2.00 30.06
C SER C 77 -0.82 -2.55 29.21
N THR C 78 -0.75 -3.88 29.13
CA THR C 78 0.30 -4.54 28.37
C THR C 78 -0.31 -5.52 27.37
N ALA C 79 0.09 -5.39 26.10
CA ALA C 79 -0.39 -6.27 25.04
C ALA C 79 0.69 -7.29 24.73
N TYR C 80 0.29 -8.51 24.39
CA TYR C 80 1.24 -9.56 24.09
C TYR C 80 1.01 -10.15 22.71
N MET C 81 2.08 -10.68 22.13
CA MET C 81 2.04 -11.34 20.84
C MET C 81 2.85 -12.61 21.04
N GLN C 82 2.31 -13.74 20.60
CA GLN C 82 2.97 -15.02 20.74
C GLN C 82 3.30 -15.64 19.40
N LEU C 83 4.54 -16.10 19.26
CA LEU C 83 5.01 -16.73 18.03
C LEU C 83 5.28 -18.21 18.28
N SER C 84 4.53 -19.07 17.59
CA SER C 84 4.67 -20.52 17.73
C SER C 84 5.47 -21.21 16.64
N SER C 85 6.07 -22.35 17.00
CA SER C 85 6.88 -23.17 16.10
C SER C 85 7.83 -22.31 15.29
N LEU C 86 8.79 -21.71 16.00
CA LEU C 86 9.76 -20.83 15.37
C LEU C 86 10.70 -21.50 14.38
N LYS C 87 11.10 -20.75 13.36
CA LYS C 87 12.00 -21.22 12.31
C LYS C 87 13.00 -20.12 11.96
N SER C 88 14.01 -20.45 11.17
CA SER C 88 15.00 -19.47 10.77
C SER C 88 14.27 -18.30 10.13
N GLU C 89 13.19 -18.60 9.41
CA GLU C 89 12.38 -17.58 8.74
C GLU C 89 11.72 -16.59 9.69
N ASP C 90 11.63 -16.93 10.97
CA ASP C 90 11.01 -16.06 11.97
C ASP C 90 11.93 -15.04 12.63
N SER C 91 13.22 -15.13 12.36
CA SER C 91 14.19 -14.21 12.95
C SER C 91 14.07 -12.81 12.32
N ALA C 92 13.72 -11.83 13.13
CA ALA C 92 13.56 -10.45 12.67
C ALA C 92 13.29 -9.52 13.84
N VAL C 93 13.00 -8.25 13.54
CA VAL C 93 12.69 -7.27 14.58
C VAL C 93 11.18 -7.01 14.51
N TYR C 94 10.50 -7.17 15.64
CA TYR C 94 9.07 -6.97 15.71
C TYR C 94 8.76 -5.69 16.43
N PHE C 95 7.79 -4.94 15.91
CA PHE C 95 7.37 -3.66 16.48
C PHE C 95 5.92 -3.71 16.89
N CYS C 96 5.51 -2.78 17.75
CA CYS C 96 4.13 -2.67 18.21
C CYS C 96 3.86 -1.18 18.15
N THR C 97 2.67 -0.80 17.73
CA THR C 97 2.36 0.62 17.61
C THR C 97 0.90 0.98 17.84
N ARG C 98 0.69 2.19 18.34
CA ARG C 98 -0.65 2.72 18.52
C ARG C 98 -0.83 3.57 17.25
N TRP C 99 -1.09 2.88 16.15
CA TRP C 99 -1.28 3.49 14.85
C TRP C 99 -2.14 4.75 14.84
N GLY C 100 -3.25 4.73 15.56
CA GLY C 100 -4.11 5.90 15.60
C GLY C 100 -5.28 6.00 14.63
N PHE C 101 -5.49 5.01 13.77
CA PHE C 101 -6.62 5.07 12.84
C PHE C 101 -7.90 4.72 13.56
N THR C 102 -8.96 5.41 13.17
CA THR C 102 -10.27 5.24 13.76
C THR C 102 -11.11 4.20 12.99
N THR C 103 -12.03 4.71 12.16
CA THR C 103 -12.90 3.85 11.35
C THR C 103 -13.02 4.49 9.98
N VAL C 104 -13.46 3.71 9.01
CA VAL C 104 -13.66 4.19 7.65
C VAL C 104 -14.57 5.42 7.66
N ARG C 105 -15.41 5.52 8.69
CA ARG C 105 -16.34 6.63 8.82
C ARG C 105 -15.80 7.86 9.55
N GLU C 106 -15.09 7.66 10.66
CA GLU C 106 -14.56 8.80 11.38
C GLU C 106 -13.45 9.35 10.50
N ASN C 107 -12.69 8.44 9.89
CA ASN C 107 -11.56 8.83 9.04
C ASN C 107 -10.65 9.80 9.77
N TYR C 108 -10.41 9.52 11.05
CA TYR C 108 -9.60 10.36 11.90
C TYR C 108 -8.34 9.59 12.30
N TYR C 109 -7.22 10.32 12.35
CA TYR C 109 -5.92 9.74 12.68
C TYR C 109 -5.28 10.34 13.93
N ALA C 110 -5.28 9.57 15.01
CA ALA C 110 -4.65 9.97 16.27
C ALA C 110 -3.15 9.71 16.09
N MET C 111 -2.29 10.57 16.63
CA MET C 111 -0.85 10.42 16.51
C MET C 111 -0.35 9.04 16.91
N ASP C 112 0.39 8.43 15.98
CA ASP C 112 0.96 7.11 16.16
C ASP C 112 2.14 7.15 17.11
N TYR C 113 2.29 6.07 17.87
CA TYR C 113 3.38 5.91 18.82
C TYR C 113 3.90 4.51 18.61
N TRP C 114 5.23 4.38 18.49
CA TRP C 114 5.83 3.07 18.25
C TRP C 114 6.71 2.60 19.41
N GLY C 115 6.76 1.30 19.60
CA GLY C 115 7.61 0.74 20.62
C GLY C 115 9.01 0.68 20.04
N GLN C 116 10.01 0.44 20.87
CA GLN C 116 11.39 0.38 20.40
C GLN C 116 11.76 -0.79 19.48
N GLY C 117 11.16 -1.96 19.72
CA GLY C 117 11.45 -3.12 18.89
C GLY C 117 12.04 -4.28 19.66
N THR C 118 11.92 -5.50 19.13
CA THR C 118 12.47 -6.68 19.79
C THR C 118 13.11 -7.63 18.78
N LEU C 119 14.43 -7.78 18.86
CA LEU C 119 15.19 -8.67 17.98
C LEU C 119 14.91 -10.10 18.41
N VAL C 120 14.49 -10.95 17.49
CA VAL C 120 14.19 -12.35 17.82
C VAL C 120 15.07 -13.24 16.92
N THR C 121 15.93 -14.03 17.54
CA THR C 121 16.85 -14.90 16.81
C THR C 121 16.57 -16.39 17.00
N VAL C 122 16.01 -17.01 15.96
CA VAL C 122 15.71 -18.44 16.00
C VAL C 122 17.00 -19.18 15.64
N SER C 123 17.60 -19.83 16.63
CA SER C 123 18.83 -20.56 16.39
C SER C 123 19.09 -21.66 17.41
N SER C 124 19.97 -22.58 17.02
CA SER C 124 20.32 -23.72 17.83
C SER C 124 21.74 -23.55 18.39
N ALA C 125 22.53 -22.71 17.76
CA ALA C 125 23.89 -22.46 18.18
C ALA C 125 23.97 -22.11 19.66
N LYS C 126 25.08 -22.48 20.28
CA LYS C 126 25.31 -22.19 21.69
C LYS C 126 25.62 -20.71 21.87
N THR C 127 25.20 -20.15 23.01
CA THR C 127 25.45 -18.76 23.34
C THR C 127 26.90 -18.58 23.76
N THR C 128 27.51 -17.49 23.34
CA THR C 128 28.88 -17.22 23.69
C THR C 128 28.99 -15.77 24.12
N PRO C 129 29.49 -15.56 25.34
CA PRO C 129 29.67 -14.23 25.93
C PRO C 129 30.83 -13.54 25.22
N PRO C 130 30.81 -12.21 25.16
CA PRO C 130 31.89 -11.48 24.51
C PRO C 130 33.14 -11.38 25.35
N SER C 131 34.24 -10.98 24.71
CA SER C 131 35.51 -10.78 25.39
C SER C 131 35.73 -9.29 25.22
N VAL C 132 35.77 -8.55 26.33
CA VAL C 132 35.99 -7.11 26.27
C VAL C 132 37.45 -6.81 26.49
N TYR C 133 38.00 -5.97 25.63
CA TYR C 133 39.39 -5.59 25.71
C TYR C 133 39.41 -4.07 25.69
N PRO C 134 40.02 -3.44 26.69
CA PRO C 134 40.11 -1.98 26.80
C PRO C 134 41.28 -1.48 25.95
N LEU C 135 40.99 -0.72 24.91
CA LEU C 135 42.05 -0.22 24.05
C LEU C 135 42.46 1.23 24.37
N ALA C 136 43.68 1.38 24.88
CA ALA C 136 44.24 2.71 25.20
C ALA C 136 45.37 3.02 24.22
N PRO C 137 45.62 4.31 23.97
CA PRO C 137 46.65 4.81 23.07
C PRO C 137 48.05 4.65 23.68
N GLY C 138 48.98 5.47 23.19
CA GLY C 138 50.35 5.44 23.65
C GLY C 138 51.29 6.26 22.78
N SER C 139 52.57 5.87 22.83
CA SER C 139 53.67 6.47 22.05
C SER C 139 53.87 7.95 22.31
N ALA C 140 53.98 8.73 21.24
CA ALA C 140 54.15 10.17 21.38
C ALA C 140 52.81 10.80 21.64
N ALA C 141 51.96 10.09 22.41
CA ALA C 141 50.62 10.54 22.76
C ALA C 141 49.71 10.46 21.53
N GLN C 142 48.46 10.08 21.76
CA GLN C 142 47.51 10.05 20.66
C GLN C 142 46.23 10.83 20.98
N THR C 143 45.69 11.48 19.94
CA THR C 143 44.49 12.30 20.00
C THR C 143 44.81 13.51 20.90
N ASN C 144 45.44 14.51 20.29
CA ASN C 144 45.87 15.70 20.99
C ASN C 144 44.95 16.92 20.86
N SER C 145 44.13 17.08 21.92
CA SER C 145 43.12 18.14 22.10
C SER C 145 42.00 17.33 22.76
N MET C 146 41.45 16.45 21.95
CA MET C 146 40.41 15.53 22.33
C MET C 146 41.17 14.22 22.20
N VAL C 147 40.91 13.28 23.10
CA VAL C 147 41.53 11.98 23.04
C VAL C 147 40.40 11.01 22.78
N THR C 148 40.65 10.01 21.96
CA THR C 148 39.62 9.01 21.68
C THR C 148 40.03 7.73 22.42
N LEU C 149 39.05 7.07 23.02
CA LEU C 149 39.31 5.83 23.74
C LEU C 149 38.55 4.81 22.92
N GLY C 150 38.60 3.55 23.32
CA GLY C 150 37.91 2.54 22.55
C GLY C 150 37.67 1.31 23.36
N CYS C 151 36.82 0.42 22.84
CA CYS C 151 36.49 -0.80 23.52
C CYS C 151 36.23 -1.84 22.45
N LEU C 152 36.84 -3.02 22.58
CA LEU C 152 36.65 -4.06 21.58
C LEU C 152 35.90 -5.23 22.17
N VAL C 153 34.65 -5.41 21.73
CA VAL C 153 33.79 -6.50 22.19
C VAL C 153 33.97 -7.62 21.17
N LYS C 154 34.85 -8.56 21.48
CA LYS C 154 35.15 -9.62 20.53
C LYS C 154 34.54 -11.01 20.75
N GLY C 155 34.28 -11.68 19.62
CA GLY C 155 33.76 -13.04 19.59
C GLY C 155 32.52 -13.50 20.34
N TYR C 156 31.38 -12.88 20.10
CA TYR C 156 30.15 -13.27 20.78
C TYR C 156 29.03 -13.74 19.87
N PHE C 157 28.01 -14.34 20.47
CA PHE C 157 26.84 -14.81 19.75
C PHE C 157 25.71 -15.08 20.74
N PRO C 158 24.49 -14.61 20.43
CA PRO C 158 24.17 -13.86 19.22
C PRO C 158 24.15 -12.37 19.54
N GLU C 159 23.67 -11.57 18.61
CA GLU C 159 23.54 -10.14 18.83
C GLU C 159 22.23 -9.96 19.60
N PRO C 160 22.03 -8.83 20.29
CA PRO C 160 22.92 -7.67 20.37
C PRO C 160 23.63 -7.54 21.70
N VAL C 161 24.67 -6.70 21.74
CA VAL C 161 25.36 -6.39 22.98
C VAL C 161 25.03 -4.93 23.20
N THR C 162 25.08 -4.47 24.44
CA THR C 162 24.77 -3.09 24.73
C THR C 162 25.94 -2.34 25.37
N VAL C 163 26.74 -1.71 24.51
CA VAL C 163 27.90 -0.97 24.95
C VAL C 163 27.46 0.40 25.45
N THR C 164 28.10 0.87 26.52
CA THR C 164 27.79 2.16 27.11
C THR C 164 29.02 2.60 27.89
N TRP C 165 29.20 3.90 28.03
CA TRP C 165 30.34 4.43 28.76
C TRP C 165 29.90 5.12 30.03
N ASN C 166 30.58 4.78 31.13
CA ASN C 166 30.28 5.33 32.44
C ASN C 166 28.78 5.23 32.72
N SER C 167 28.22 4.09 32.35
CA SER C 167 26.80 3.79 32.56
C SER C 167 25.87 4.85 32.01
N GLY C 168 26.17 5.36 30.82
CA GLY C 168 25.31 6.37 30.23
C GLY C 168 25.67 7.78 30.64
N SER C 169 26.51 7.91 31.66
CA SER C 169 26.89 9.23 32.14
C SER C 169 27.97 9.87 31.24
N LEU C 170 28.14 9.29 30.06
CA LEU C 170 29.08 9.76 29.04
C LEU C 170 28.35 9.40 27.75
N SER C 171 27.55 10.32 27.24
CA SER C 171 26.75 10.06 26.04
C SER C 171 27.19 10.77 24.77
N SER C 172 27.69 12.00 24.90
CA SER C 172 28.09 12.76 23.72
C SER C 172 29.48 12.37 23.20
N GLY C 173 29.56 12.06 21.91
CA GLY C 173 30.83 11.70 21.30
C GLY C 173 31.10 10.21 21.14
N VAL C 174 30.21 9.37 21.64
CA VAL C 174 30.39 7.93 21.51
C VAL C 174 30.06 7.50 20.10
N HIS C 175 30.80 6.52 19.59
CA HIS C 175 30.58 5.98 18.26
C HIS C 175 30.54 4.48 18.42
N THR C 176 29.55 3.82 17.85
CA THR C 176 29.44 2.38 17.95
C THR C 176 29.28 1.84 16.55
N PHE C 177 30.17 0.93 16.19
CA PHE C 177 30.15 0.34 14.86
C PHE C 177 29.47 -1.02 14.81
N PRO C 178 28.75 -1.30 13.71
CA PRO C 178 28.04 -2.55 13.50
C PRO C 178 28.91 -3.79 13.66
N ALA C 179 28.34 -4.80 14.29
CA ALA C 179 29.04 -6.05 14.48
C ALA C 179 29.05 -6.73 13.13
N VAL C 180 30.14 -7.41 12.81
CA VAL C 180 30.28 -8.09 11.54
C VAL C 180 30.49 -9.58 11.83
N LEU C 181 29.59 -10.40 11.31
CA LEU C 181 29.67 -11.82 11.52
C LEU C 181 30.87 -12.43 10.80
N GLN C 182 31.86 -12.86 11.56
CA GLN C 182 33.01 -13.52 10.98
C GLN C 182 32.73 -15.01 11.00
N SER C 183 33.50 -15.74 11.81
CA SER C 183 33.35 -17.19 11.87
C SER C 183 32.17 -17.60 12.75
N ASP C 184 30.96 -17.36 12.27
CA ASP C 184 29.72 -17.69 13.02
C ASP C 184 29.81 -17.05 14.40
N LEU C 185 30.55 -15.95 14.48
CA LEU C 185 30.81 -15.26 15.73
C LEU C 185 31.02 -13.78 15.44
N TYR C 186 30.34 -12.92 16.19
CA TYR C 186 30.42 -11.46 16.01
C TYR C 186 31.59 -10.74 16.68
N THR C 187 31.80 -9.50 16.24
CA THR C 187 32.85 -8.64 16.77
C THR C 187 32.44 -7.20 16.51
N LEU C 188 32.44 -6.35 17.55
CA LEU C 188 32.11 -4.94 17.37
C LEU C 188 33.00 -4.06 18.26
N SER C 189 32.96 -2.76 18.06
CA SER C 189 33.77 -1.85 18.86
C SER C 189 33.11 -0.48 18.98
N SER C 190 33.61 0.32 19.91
CA SER C 190 33.07 1.65 20.11
C SER C 190 34.16 2.59 20.57
N SER C 191 34.01 3.86 20.23
CA SER C 191 34.99 4.87 20.59
C SER C 191 34.28 5.96 21.39
N VAL C 192 35.06 6.70 22.17
CA VAL C 192 34.53 7.78 22.98
C VAL C 192 35.64 8.82 23.02
N THR C 193 35.32 10.01 22.53
CA THR C 193 36.27 11.09 22.54
C THR C 193 35.98 12.02 23.71
N VAL C 194 36.91 12.05 24.64
CA VAL C 194 36.80 12.90 25.80
C VAL C 194 37.98 13.83 25.77
N PRO C 195 37.79 15.05 26.26
CA PRO C 195 38.88 16.03 26.29
C PRO C 195 40.00 15.46 27.18
N SER C 196 41.22 15.96 27.04
CA SER C 196 42.33 15.47 27.85
C SER C 196 42.24 15.85 29.33
N SER C 197 41.37 16.80 29.64
CA SER C 197 41.16 17.25 31.00
C SER C 197 40.79 16.05 31.87
N PRO C 198 39.78 15.25 31.42
CA PRO C 198 39.39 14.08 32.20
C PRO C 198 40.01 12.72 31.85
N ARG C 199 41.01 12.65 30.97
CA ARG C 199 41.60 11.35 30.66
C ARG C 199 42.57 10.78 31.69
N PRO C 200 43.72 11.43 31.92
CA PRO C 200 44.67 10.91 32.91
C PRO C 200 44.02 10.69 34.28
N SER C 201 43.39 11.74 34.79
CA SER C 201 42.69 11.70 36.07
C SER C 201 41.24 11.73 35.63
N GLU C 202 40.40 10.95 36.31
CA GLU C 202 38.97 10.80 36.04
C GLU C 202 38.77 9.50 35.25
N THR C 203 38.15 8.53 35.92
CA THR C 203 37.89 7.20 35.40
C THR C 203 36.96 7.11 34.19
N VAL C 204 37.24 6.13 33.33
CA VAL C 204 36.45 5.87 32.14
C VAL C 204 36.24 4.34 32.08
N THR C 205 34.99 3.91 32.01
CA THR C 205 34.68 2.49 31.99
C THR C 205 33.73 2.08 30.89
N CYS C 206 34.16 1.09 30.12
CA CYS C 206 33.38 0.56 29.02
C CYS C 206 32.53 -0.57 29.60
N ASN C 207 31.21 -0.42 29.58
CA ASN C 207 30.32 -1.45 30.12
C ASN C 207 29.53 -2.14 29.02
N VAL C 208 29.79 -3.41 28.80
CA VAL C 208 29.06 -4.16 27.79
C VAL C 208 28.18 -5.21 28.49
N ALA C 209 26.94 -5.32 28.05
CA ALA C 209 26.00 -6.28 28.61
C ALA C 209 25.53 -7.18 27.50
N HIS C 210 25.56 -8.48 27.74
CA HIS C 210 25.12 -9.44 26.74
C HIS C 210 23.83 -10.12 27.21
N PRO C 211 22.69 -9.59 26.79
CA PRO C 211 21.37 -10.11 27.14
C PRO C 211 21.26 -11.64 27.01
N ALA C 212 21.52 -12.16 25.81
CA ALA C 212 21.43 -13.61 25.55
C ALA C 212 22.21 -14.53 26.49
N SER C 213 23.12 -13.98 27.28
CA SER C 213 23.92 -14.78 28.19
C SER C 213 23.99 -14.23 29.62
N SER C 214 23.08 -13.33 29.95
CA SER C 214 23.02 -12.72 31.30
C SER C 214 24.41 -12.31 31.80
N THR C 215 25.18 -11.68 30.92
CA THR C 215 26.54 -11.24 31.23
C THR C 215 26.75 -9.72 31.23
N LYS C 216 27.62 -9.26 32.12
CA LYS C 216 27.95 -7.84 32.24
C LYS C 216 29.45 -7.74 32.49
N VAL C 217 30.15 -6.91 31.69
CA VAL C 217 31.60 -6.73 31.82
C VAL C 217 31.96 -5.25 31.93
N ASP C 218 32.73 -4.89 32.95
CA ASP C 218 33.15 -3.50 33.13
C ASP C 218 34.66 -3.35 32.97
N LYS C 219 35.10 -2.70 31.91
CA LYS C 219 36.54 -2.51 31.68
C LYS C 219 37.04 -1.08 31.84
N LYS C 220 37.74 -0.82 32.94
CA LYS C 220 38.31 0.50 33.19
C LYS C 220 39.43 0.74 32.19
N ILE C 221 39.26 1.69 31.26
CA ILE C 221 40.30 1.97 30.28
C ILE C 221 41.52 2.59 30.93
N VAL C 222 42.59 1.80 30.98
CA VAL C 222 43.83 2.23 31.60
C VAL C 222 44.94 2.50 30.58
N PRO C 223 45.85 3.43 30.90
CA PRO C 223 47.00 3.85 30.10
C PRO C 223 48.02 2.71 29.98
N ARG C 224 49.15 2.98 29.32
CA ARG C 224 50.20 1.98 29.14
C ARG C 224 51.40 2.14 30.06
N ASP C 225 51.67 1.10 30.84
CA ASP C 225 52.78 1.07 31.79
C ASP C 225 53.81 0.06 31.31
N CYS C 226 54.79 0.53 30.56
CA CYS C 226 55.86 -0.32 30.03
C CYS C 226 57.18 0.44 29.89
N ALA D 1 -44.61 1.01 -24.23
CA ALA D 1 -43.37 0.66 -23.48
C ALA D 1 -42.75 1.99 -23.10
N VAL D 2 -42.46 2.19 -21.82
CA VAL D 2 -41.88 3.46 -21.39
C VAL D 2 -40.36 3.39 -21.47
N LYS D 3 -39.77 4.39 -22.12
CA LYS D 3 -38.33 4.48 -22.29
C LYS D 3 -37.83 5.89 -22.02
N LEU D 4 -36.70 5.99 -21.32
CA LEU D 4 -36.07 7.28 -21.05
C LEU D 4 -34.65 7.11 -21.57
N GLN D 5 -34.27 7.92 -22.54
CA GLN D 5 -32.94 7.85 -23.15
C GLN D 5 -32.17 9.13 -22.90
N GLN D 6 -30.94 8.99 -22.41
CA GLN D 6 -30.10 10.13 -22.10
C GLN D 6 -28.95 10.35 -23.07
N SER D 7 -28.40 11.57 -23.00
CA SER D 7 -27.28 12.01 -23.81
C SER D 7 -26.04 11.13 -23.62
N GLY D 8 -25.06 11.30 -24.51
CA GLY D 8 -23.84 10.51 -24.42
C GLY D 8 -22.81 11.11 -23.49
N PRO D 9 -21.69 10.41 -23.25
CA PRO D 9 -20.59 10.82 -22.37
C PRO D 9 -19.95 12.15 -22.75
N GLU D 10 -20.06 13.13 -21.86
CA GLU D 10 -19.49 14.46 -22.07
C GLU D 10 -18.13 14.66 -21.39
N LEU D 11 -17.20 15.30 -22.11
CA LEU D 11 -15.86 15.62 -21.62
C LEU D 11 -15.85 17.12 -21.81
N VAL D 12 -15.77 17.88 -20.72
CA VAL D 12 -15.80 19.32 -20.84
C VAL D 12 -14.64 19.99 -20.14
N ARG D 13 -14.19 21.11 -20.71
CA ARG D 13 -13.10 21.88 -20.13
C ARG D 13 -13.69 22.69 -18.98
N PRO D 14 -12.95 22.82 -17.86
CA PRO D 14 -13.43 23.59 -16.71
C PRO D 14 -13.94 24.97 -17.11
N GLY D 15 -14.85 25.53 -16.31
CA GLY D 15 -15.39 26.85 -16.60
C GLY D 15 -16.41 26.93 -17.72
N THR D 16 -16.44 25.94 -18.61
CA THR D 16 -17.40 25.98 -19.71
C THR D 16 -18.79 25.50 -19.27
N SER D 17 -19.58 24.96 -20.19
CA SER D 17 -20.92 24.49 -19.85
C SER D 17 -21.38 23.38 -20.79
N VAL D 18 -22.29 22.53 -20.29
CA VAL D 18 -22.86 21.43 -21.06
C VAL D 18 -24.37 21.36 -20.86
N LYS D 19 -25.06 20.72 -21.80
CA LYS D 19 -26.50 20.56 -21.69
C LYS D 19 -26.85 19.10 -21.93
N LEU D 20 -27.34 18.43 -20.90
CA LEU D 20 -27.71 17.02 -21.00
C LEU D 20 -29.17 16.90 -21.43
N SER D 21 -29.58 15.74 -21.92
CA SER D 21 -30.96 15.56 -22.38
C SER D 21 -31.56 14.21 -21.99
N CYS D 22 -32.87 14.20 -21.75
CA CYS D 22 -33.59 12.99 -21.36
C CYS D 22 -34.81 12.95 -22.29
N LYS D 23 -34.79 12.04 -23.26
CA LYS D 23 -35.88 11.88 -24.23
C LYS D 23 -36.86 10.77 -23.82
N THR D 24 -38.10 11.16 -23.52
CA THR D 24 -39.12 10.22 -23.10
C THR D 24 -39.94 9.62 -24.26
N SER D 25 -40.58 8.49 -23.97
CA SER D 25 -41.42 7.83 -24.95
C SER D 25 -42.18 6.67 -24.29
N GLY D 26 -43.43 6.46 -24.70
CA GLY D 26 -44.21 5.37 -24.14
C GLY D 26 -45.24 5.83 -23.14
N TYR D 27 -45.08 7.05 -22.66
CA TYR D 27 -46.01 7.62 -21.70
C TYR D 27 -46.28 9.06 -22.11
N ILE D 28 -47.26 9.71 -21.49
CA ILE D 28 -47.61 11.08 -21.83
C ILE D 28 -46.75 12.12 -21.12
N PHE D 29 -45.67 12.50 -21.80
CA PHE D 29 -44.66 13.45 -21.33
C PHE D 29 -45.07 14.53 -20.35
N THR D 30 -45.99 15.40 -20.78
CA THR D 30 -46.46 16.52 -19.96
C THR D 30 -47.26 16.24 -18.69
N SER D 31 -47.66 14.99 -18.47
CA SER D 31 -48.45 14.62 -17.29
C SER D 31 -47.63 14.14 -16.09
N TYR D 32 -46.31 14.25 -16.16
CA TYR D 32 -45.48 13.78 -15.06
C TYR D 32 -44.24 14.59 -14.79
N TRP D 33 -43.80 14.58 -13.54
CA TRP D 33 -42.60 15.30 -13.12
C TRP D 33 -41.38 14.47 -13.46
N ILE D 34 -40.33 15.14 -13.91
CA ILE D 34 -39.07 14.47 -14.24
C ILE D 34 -38.00 14.99 -13.28
N HIS D 35 -37.37 14.07 -12.54
CA HIS D 35 -36.34 14.39 -11.55
C HIS D 35 -34.94 14.08 -12.09
N TRP D 36 -33.95 14.90 -11.71
CA TRP D 36 -32.57 14.70 -12.14
C TRP D 36 -31.66 14.45 -10.93
N LEU D 37 -30.81 13.42 -11.01
CA LEU D 37 -29.91 13.07 -9.90
C LEU D 37 -28.43 13.08 -10.23
N LYS D 38 -27.60 13.26 -9.21
CA LYS D 38 -26.15 13.26 -9.35
C LYS D 38 -25.56 12.12 -8.54
N GLN D 39 -24.78 11.24 -9.17
CA GLN D 39 -24.14 10.14 -8.45
C GLN D 39 -22.64 10.32 -8.58
N SER D 40 -22.06 10.98 -7.60
CA SER D 40 -20.63 11.28 -7.58
C SER D 40 -19.95 10.30 -6.67
N SER D 41 -18.62 10.27 -6.70
CA SER D 41 -17.85 9.40 -5.82
C SER D 41 -17.71 10.21 -4.52
N GLY D 42 -17.69 9.54 -3.38
CA GLY D 42 -17.58 10.27 -2.13
C GLY D 42 -18.91 10.92 -1.83
N GLN D 43 -19.21 12.02 -2.54
CA GLN D 43 -20.49 12.73 -2.40
C GLN D 43 -21.64 11.70 -2.41
N GLY D 44 -21.80 11.01 -3.54
CA GLY D 44 -22.80 9.96 -3.70
C GLY D 44 -24.29 10.23 -3.55
N LEU D 45 -24.98 10.20 -4.68
CA LEU D 45 -26.43 10.40 -4.75
C LEU D 45 -27.05 11.62 -4.07
N GLU D 46 -27.25 12.65 -4.87
CA GLU D 46 -27.85 13.89 -4.41
C GLU D 46 -29.02 14.19 -5.34
N TRP D 47 -30.10 14.74 -4.80
CA TRP D 47 -31.26 15.11 -5.60
C TRP D 47 -31.00 16.53 -6.12
N ILE D 48 -31.03 16.73 -7.43
CA ILE D 48 -30.73 18.05 -8.02
C ILE D 48 -31.91 19.01 -8.25
N ALA D 49 -32.90 18.54 -9.01
CA ALA D 49 -34.09 19.34 -9.35
C ALA D 49 -35.12 18.48 -10.06
N ARG D 50 -36.28 19.08 -10.30
CA ARG D 50 -37.39 18.40 -10.96
C ARG D 50 -38.19 19.40 -11.80
N ILE D 51 -38.86 18.90 -12.83
CA ILE D 51 -39.66 19.76 -13.70
C ILE D 51 -40.97 19.11 -14.12
N TYR D 52 -42.01 19.91 -14.24
CA TYR D 52 -43.30 19.41 -14.70
C TYR D 52 -43.48 20.01 -16.09
N PRO D 53 -43.22 19.22 -17.15
CA PRO D 53 -43.33 19.61 -18.55
C PRO D 53 -44.65 20.21 -18.97
N GLY D 54 -45.73 19.81 -18.30
CA GLY D 54 -47.04 20.35 -18.62
C GLY D 54 -47.11 21.84 -18.34
N THR D 55 -46.73 22.26 -17.14
CA THR D 55 -46.79 23.66 -16.76
C THR D 55 -45.45 24.39 -16.80
N GLY D 56 -44.37 23.63 -17.00
CA GLY D 56 -43.05 24.22 -17.05
C GLY D 56 -42.52 24.69 -15.69
N GLY D 57 -43.19 24.28 -14.63
CA GLY D 57 -42.77 24.68 -13.29
C GLY D 57 -41.64 23.79 -12.75
N THR D 58 -40.60 24.43 -12.23
CA THR D 58 -39.45 23.69 -11.70
C THR D 58 -39.29 23.81 -10.18
N TYR D 59 -38.35 23.05 -9.64
CA TYR D 59 -38.02 23.06 -8.22
C TYR D 59 -36.54 22.71 -8.16
N TYR D 60 -35.76 23.49 -7.42
CA TYR D 60 -34.33 23.23 -7.33
C TYR D 60 -33.83 23.02 -5.92
N ASN D 61 -33.00 22.00 -5.74
CA ASN D 61 -32.38 21.71 -4.45
C ASN D 61 -31.50 22.95 -4.24
N GLU D 62 -31.60 23.58 -3.07
CA GLU D 62 -30.81 24.79 -2.82
C GLU D 62 -29.33 24.71 -3.18
N LYS D 63 -28.74 23.53 -2.99
CA LYS D 63 -27.32 23.29 -3.25
C LYS D 63 -26.91 23.42 -4.73
N PHE D 64 -27.86 23.26 -5.65
CA PHE D 64 -27.54 23.34 -7.08
C PHE D 64 -28.22 24.52 -7.76
N LYS D 65 -28.77 25.42 -6.96
CA LYS D 65 -29.43 26.61 -7.49
C LYS D 65 -28.39 27.54 -8.10
N GLY D 66 -28.42 27.71 -9.42
CA GLY D 66 -27.45 28.58 -10.07
C GLY D 66 -26.39 27.81 -10.83
N LYS D 67 -26.47 26.49 -10.75
CA LYS D 67 -25.55 25.58 -11.42
C LYS D 67 -26.31 24.83 -12.51
N ALA D 68 -27.44 24.24 -12.11
CA ALA D 68 -28.27 23.48 -13.04
C ALA D 68 -29.52 24.27 -13.37
N THR D 69 -30.03 24.04 -14.59
CA THR D 69 -31.22 24.72 -15.07
C THR D 69 -32.02 23.71 -15.89
N LEU D 70 -33.31 23.56 -15.60
CA LEU D 70 -34.13 22.59 -16.32
C LEU D 70 -35.06 23.24 -17.35
N THR D 71 -35.37 22.50 -18.40
CA THR D 71 -36.26 22.96 -19.48
C THR D 71 -36.88 21.71 -20.09
N ALA D 72 -37.83 21.88 -21.01
CA ALA D 72 -38.46 20.73 -21.65
C ALA D 72 -38.96 21.10 -23.03
N ASP D 73 -38.98 20.12 -23.94
CA ASP D 73 -39.45 20.34 -25.28
C ASP D 73 -40.64 19.42 -25.52
N LYS D 74 -41.83 20.01 -25.48
CA LYS D 74 -43.09 19.29 -25.63
C LYS D 74 -43.19 18.47 -26.91
N SER D 75 -42.84 19.08 -28.05
CA SER D 75 -42.92 18.41 -29.33
C SER D 75 -42.12 17.12 -29.41
N SER D 76 -40.89 17.16 -28.92
CA SER D 76 -40.01 16.00 -28.94
C SER D 76 -40.08 15.15 -27.68
N SER D 77 -40.71 15.67 -26.64
CA SER D 77 -40.82 14.96 -25.38
C SER D 77 -39.42 14.74 -24.80
N THR D 78 -38.62 15.80 -24.81
CA THR D 78 -37.26 15.74 -24.31
C THR D 78 -37.00 16.83 -23.28
N ALA D 79 -36.51 16.43 -22.11
CA ALA D 79 -36.19 17.35 -21.02
C ALA D 79 -34.68 17.59 -21.00
N TYR D 80 -34.28 18.81 -20.67
CA TYR D 80 -32.87 19.16 -20.64
C TYR D 80 -32.46 19.70 -19.29
N MET D 81 -31.18 19.52 -18.97
CA MET D 81 -30.58 20.01 -17.74
C MET D 81 -29.26 20.63 -18.19
N GLN D 82 -28.97 21.82 -17.72
CA GLN D 82 -27.75 22.51 -18.09
C GLN D 82 -26.87 22.77 -16.89
N LEU D 83 -25.58 22.46 -17.01
CA LEU D 83 -24.62 22.67 -15.93
C LEU D 83 -23.66 23.78 -16.34
N SER D 84 -23.63 24.86 -15.57
CA SER D 84 -22.75 26.00 -15.87
C SER D 84 -21.50 26.08 -15.01
N SER D 85 -20.47 26.73 -15.55
CA SER D 85 -19.18 26.92 -14.89
C SER D 85 -18.72 25.62 -14.24
N LEU D 86 -18.42 24.63 -15.06
CA LEU D 86 -18.00 23.32 -14.59
C LEU D 86 -16.66 23.31 -13.85
N LYS D 87 -16.57 22.42 -12.86
CA LYS D 87 -15.37 22.25 -12.04
C LYS D 87 -15.08 20.76 -11.82
N SER D 88 -13.91 20.45 -11.27
CA SER D 88 -13.56 19.07 -11.03
C SER D 88 -14.66 18.44 -10.19
N GLU D 89 -15.22 19.24 -9.28
CA GLU D 89 -16.28 18.79 -8.40
C GLU D 89 -17.57 18.36 -9.13
N ASP D 90 -17.71 18.78 -10.38
CA ASP D 90 -18.88 18.45 -11.18
C ASP D 90 -18.81 17.13 -11.95
N SER D 91 -17.67 16.48 -11.92
CA SER D 91 -17.51 15.22 -12.62
C SER D 91 -18.25 14.11 -11.90
N ALA D 92 -19.26 13.52 -12.57
CA ALA D 92 -20.06 12.44 -11.98
C ALA D 92 -21.03 11.85 -13.02
N VAL D 93 -21.90 10.95 -12.58
CA VAL D 93 -22.90 10.36 -13.48
C VAL D 93 -24.26 10.97 -13.10
N TYR D 94 -24.92 11.56 -14.08
CA TYR D 94 -26.22 12.18 -13.85
C TYR D 94 -27.33 11.31 -14.39
N PHE D 95 -28.43 11.21 -13.64
CA PHE D 95 -29.58 10.42 -14.04
C PHE D 95 -30.82 11.29 -14.17
N CYS D 96 -31.82 10.79 -14.88
CA CYS D 96 -33.10 11.49 -15.04
C CYS D 96 -34.12 10.38 -14.82
N THR D 97 -35.21 10.69 -14.13
CA THR D 97 -36.23 9.68 -13.87
C THR D 97 -37.65 10.20 -13.78
N ARG D 98 -38.58 9.32 -14.13
CA ARG D 98 -40.01 9.62 -14.01
C ARG D 98 -40.38 8.95 -12.69
N TRP D 99 -39.99 9.61 -11.59
CA TRP D 99 -40.21 9.14 -10.22
C TRP D 99 -41.60 8.57 -9.94
N GLY D 100 -42.64 9.24 -10.43
CA GLY D 100 -44.00 8.75 -10.23
C GLY D 100 -44.81 9.27 -9.05
N PHE D 101 -44.23 10.13 -8.21
CA PHE D 101 -44.99 10.65 -7.09
C PHE D 101 -45.99 11.70 -7.57
N THR D 102 -47.15 11.69 -6.94
CA THR D 102 -48.23 12.60 -7.25
C THR D 102 -48.18 13.86 -6.38
N THR D 103 -49.05 13.93 -5.38
CA THR D 103 -49.11 15.05 -4.45
C THR D 103 -49.28 14.51 -3.04
N VAL D 104 -48.99 15.34 -2.06
CA VAL D 104 -49.13 14.99 -0.65
C VAL D 104 -50.55 14.45 -0.41
N ARG D 105 -51.50 14.90 -1.23
CA ARG D 105 -52.90 14.49 -1.10
C ARG D 105 -53.29 13.23 -1.85
N GLU D 106 -52.81 13.08 -3.09
CA GLU D 106 -53.15 11.87 -3.82
C GLU D 106 -52.38 10.75 -3.14
N ASN D 107 -51.13 11.05 -2.76
CA ASN D 107 -50.26 10.06 -2.12
C ASN D 107 -50.23 8.78 -2.94
N TYR D 108 -50.15 8.94 -4.27
CA TYR D 108 -50.13 7.83 -5.21
C TYR D 108 -48.77 7.80 -5.91
N TYR D 109 -48.26 6.59 -6.12
CA TYR D 109 -46.96 6.40 -6.75
C TYR D 109 -47.02 5.62 -8.06
N ALA D 110 -46.81 6.32 -9.17
CA ALA D 110 -46.78 5.70 -10.49
C ALA D 110 -45.40 5.06 -10.62
N MET D 111 -45.30 3.94 -11.33
CA MET D 111 -44.01 3.25 -11.48
C MET D 111 -42.91 4.14 -12.05
N ASP D 112 -41.80 4.18 -11.34
CA ASP D 112 -40.64 4.97 -11.71
C ASP D 112 -39.89 4.33 -12.86
N TYR D 113 -39.35 5.18 -13.72
CA TYR D 113 -38.57 4.76 -14.87
C TYR D 113 -37.32 5.63 -14.87
N TRP D 114 -36.15 5.01 -15.03
CA TRP D 114 -34.91 5.76 -15.00
C TRP D 114 -34.18 5.73 -16.34
N GLY D 115 -33.45 6.80 -16.62
CA GLY D 115 -32.67 6.85 -17.84
C GLY D 115 -31.39 6.07 -17.57
N GLN D 116 -30.61 5.79 -18.60
CA GLN D 116 -29.36 5.04 -18.43
C GLN D 116 -28.22 5.77 -17.70
N GLY D 117 -28.09 7.07 -17.89
CA GLY D 117 -27.05 7.82 -17.20
C GLY D 117 -26.08 8.49 -18.16
N THR D 118 -25.43 9.56 -17.69
CA THR D 118 -24.47 10.30 -18.51
C THR D 118 -23.21 10.67 -17.70
N LEU D 119 -22.07 10.10 -18.09
CA LEU D 119 -20.78 10.36 -17.44
C LEU D 119 -20.30 11.72 -17.89
N VAL D 120 -20.02 12.63 -16.96
CA VAL D 120 -19.54 13.97 -17.32
C VAL D 120 -18.18 14.19 -16.67
N THR D 121 -17.16 14.40 -17.50
CA THR D 121 -15.81 14.60 -17.02
C THR D 121 -15.26 16.00 -17.25
N VAL D 122 -15.16 16.77 -16.18
CA VAL D 122 -14.62 18.13 -16.24
C VAL D 122 -13.09 18.00 -16.19
N SER D 123 -12.42 18.25 -17.32
CA SER D 123 -10.98 18.15 -17.38
C SER D 123 -10.39 18.98 -18.48
N SER D 124 -9.08 19.23 -18.35
CA SER D 124 -8.32 20.02 -19.30
C SER D 124 -7.37 19.15 -20.11
N ALA D 125 -7.10 17.96 -19.61
CA ALA D 125 -6.22 17.01 -20.29
C ALA D 125 -6.64 16.76 -21.73
N LYS D 126 -5.67 16.49 -22.57
CA LYS D 126 -5.91 16.21 -23.98
C LYS D 126 -6.52 14.81 -24.11
N THR D 127 -7.38 14.65 -25.12
CA THR D 127 -8.05 13.37 -25.37
C THR D 127 -7.05 12.43 -26.06
N THR D 128 -7.07 11.16 -25.69
CA THR D 128 -6.17 10.22 -26.29
C THR D 128 -6.96 8.99 -26.65
N PRO D 129 -6.90 8.61 -27.93
CA PRO D 129 -7.62 7.44 -28.45
C PRO D 129 -6.93 6.19 -27.94
N PRO D 130 -7.67 5.08 -27.80
CA PRO D 130 -7.08 3.84 -27.32
C PRO D 130 -6.28 3.10 -28.41
N SER D 131 -5.46 2.15 -27.98
CA SER D 131 -4.70 1.32 -28.89
C SER D 131 -5.28 -0.08 -28.67
N VAL D 132 -5.91 -0.63 -29.70
CA VAL D 132 -6.51 -1.96 -29.58
C VAL D 132 -5.53 -2.99 -30.06
N TYR D 133 -5.36 -4.05 -29.28
CA TYR D 133 -4.46 -5.14 -29.61
C TYR D 133 -5.30 -6.41 -29.49
N PRO D 134 -5.34 -7.22 -30.55
CA PRO D 134 -6.10 -8.46 -30.57
C PRO D 134 -5.28 -9.56 -29.95
N LEU D 135 -5.76 -10.10 -28.83
CA LEU D 135 -5.00 -11.15 -28.17
C LEU D 135 -5.51 -12.56 -28.46
N ALA D 136 -4.73 -13.34 -29.19
CA ALA D 136 -5.04 -14.75 -29.54
C ALA D 136 -4.10 -15.66 -28.80
N PRO D 137 -4.55 -16.89 -28.52
CA PRO D 137 -3.80 -17.93 -27.82
C PRO D 137 -2.69 -18.52 -28.70
N GLY D 138 -2.28 -19.74 -28.35
CA GLY D 138 -1.27 -20.46 -29.08
C GLY D 138 -0.79 -21.70 -28.36
N SER D 139 0.45 -22.10 -28.71
CA SER D 139 1.15 -23.25 -28.15
C SER D 139 0.45 -24.61 -28.29
N ALA D 140 0.35 -25.35 -27.19
CA ALA D 140 -0.33 -26.63 -27.27
C ALA D 140 -1.84 -26.43 -27.23
N ALA D 141 -2.28 -25.31 -27.84
CA ALA D 141 -3.70 -24.93 -27.90
C ALA D 141 -4.15 -24.43 -26.53
N GLN D 142 -4.98 -23.40 -26.54
CA GLN D 142 -5.50 -22.90 -25.27
C GLN D 142 -7.02 -22.82 -25.27
N THR D 143 -7.61 -23.12 -24.10
CA THR D 143 -9.05 -23.15 -23.89
C THR D 143 -9.63 -24.29 -24.75
N ASN D 144 -9.55 -25.49 -24.21
CA ASN D 144 -10.00 -26.70 -24.89
C ASN D 144 -11.40 -27.18 -24.49
N SER D 145 -12.36 -26.83 -25.35
CA SER D 145 -13.80 -27.13 -25.25
C SER D 145 -14.37 -25.80 -25.74
N MET D 146 -14.21 -24.81 -24.88
CA MET D 146 -14.63 -23.45 -25.11
C MET D 146 -13.28 -22.76 -25.20
N VAL D 147 -13.13 -21.82 -26.13
CA VAL D 147 -11.90 -21.07 -26.25
C VAL D 147 -12.23 -19.64 -25.85
N THR D 148 -11.30 -19.01 -25.15
CA THR D 148 -11.50 -17.63 -24.73
C THR D 148 -10.61 -16.77 -25.61
N LEU D 149 -11.17 -15.65 -26.07
CA LEU D 149 -10.45 -14.70 -26.91
C LEU D 149 -10.34 -13.47 -26.03
N GLY D 150 -9.63 -12.44 -26.51
CA GLY D 150 -9.49 -11.26 -25.68
C GLY D 150 -9.18 -10.04 -26.51
N CYS D 151 -9.30 -8.88 -25.88
CA CYS D 151 -9.04 -7.63 -26.57
C CYS D 151 -8.48 -6.69 -25.52
N LEU D 152 -7.36 -6.04 -25.85
CA LEU D 152 -6.72 -5.12 -24.92
C LEU D 152 -6.82 -3.68 -25.44
N VAL D 153 -7.62 -2.87 -24.76
CA VAL D 153 -7.82 -1.47 -25.14
C VAL D 153 -6.85 -0.71 -24.25
N LYS D 154 -5.68 -0.40 -24.79
CA LYS D 154 -4.65 0.26 -24.00
C LYS D 154 -4.43 1.76 -24.17
N GLY D 155 -4.04 2.40 -23.06
CA GLY D 155 -3.71 3.82 -23.01
C GLY D 155 -4.60 4.91 -23.54
N TYR D 156 -5.81 5.04 -23.00
CA TYR D 156 -6.73 6.08 -23.47
C TYR D 156 -7.18 7.04 -22.38
N PHE D 157 -7.85 8.11 -22.79
CA PHE D 157 -8.37 9.12 -21.88
C PHE D 157 -9.32 10.05 -22.64
N PRO D 158 -10.49 10.32 -22.06
CA PRO D 158 -10.92 9.79 -20.76
C PRO D 158 -11.80 8.57 -20.99
N GLU D 159 -12.48 8.14 -19.92
CA GLU D 159 -13.41 7.02 -20.01
C GLU D 159 -14.74 7.63 -20.50
N PRO D 160 -15.65 6.83 -21.04
CA PRO D 160 -15.60 5.37 -21.24
C PRO D 160 -15.38 4.93 -22.68
N VAL D 161 -14.96 3.68 -22.84
CA VAL D 161 -14.83 3.11 -24.17
C VAL D 161 -15.96 2.11 -24.22
N THR D 162 -16.41 1.77 -25.42
CA THR D 162 -17.49 0.82 -25.56
C THR D 162 -17.06 -0.38 -26.37
N VAL D 163 -16.66 -1.43 -25.65
CA VAL D 163 -16.20 -2.68 -26.25
C VAL D 163 -17.40 -3.57 -26.55
N THR D 164 -17.37 -4.20 -27.71
CA THR D 164 -18.44 -5.09 -28.14
C THR D 164 -17.82 -6.10 -29.11
N TRP D 165 -18.44 -7.27 -29.21
CA TRP D 165 -17.95 -8.31 -30.09
C TRP D 165 -18.94 -8.57 -31.21
N ASN D 166 -18.42 -8.59 -32.44
CA ASN D 166 -19.23 -8.81 -33.63
C ASN D 166 -20.44 -7.88 -33.63
N SER D 167 -20.19 -6.63 -33.25
CA SER D 167 -21.24 -5.61 -33.20
C SER D 167 -22.46 -6.02 -32.39
N GLY D 168 -22.23 -6.66 -31.26
CA GLY D 168 -23.32 -7.08 -30.40
C GLY D 168 -23.91 -8.42 -30.78
N SER D 169 -23.56 -8.93 -31.95
CA SER D 169 -24.08 -10.21 -32.39
C SER D 169 -23.37 -11.37 -31.69
N LEU D 170 -22.71 -11.05 -30.59
CA LEU D 170 -22.00 -12.01 -29.77
C LEU D 170 -22.11 -11.36 -28.41
N SER D 171 -23.16 -11.72 -27.66
CA SER D 171 -23.40 -11.12 -26.36
C SER D 171 -23.18 -12.03 -25.15
N SER D 172 -23.46 -13.33 -25.31
CA SER D 172 -23.32 -14.27 -24.19
C SER D 172 -21.87 -14.74 -24.00
N GLY D 173 -21.38 -14.60 -22.78
CA GLY D 173 -20.03 -15.05 -22.47
C GLY D 173 -18.97 -13.96 -22.41
N VAL D 174 -19.31 -12.75 -22.82
CA VAL D 174 -18.36 -11.66 -22.79
C VAL D 174 -18.08 -11.21 -21.35
N HIS D 175 -16.84 -10.81 -21.09
CA HIS D 175 -16.44 -10.32 -19.77
C HIS D 175 -15.68 -9.03 -20.05
N THR D 176 -16.01 -7.97 -19.32
CA THR D 176 -15.33 -6.71 -19.50
C THR D 176 -14.89 -6.23 -18.14
N PHE D 177 -13.59 -5.99 -18.02
CA PHE D 177 -13.01 -5.57 -16.76
C PHE D 177 -12.81 -4.07 -16.67
N PRO D 178 -13.01 -3.51 -15.47
CA PRO D 178 -12.86 -2.08 -15.22
C PRO D 178 -11.50 -1.52 -15.63
N ALA D 179 -11.53 -0.34 -16.22
CA ALA D 179 -10.30 0.30 -16.62
C ALA D 179 -9.65 0.78 -15.34
N VAL D 180 -8.33 0.75 -15.31
CA VAL D 180 -7.57 1.17 -14.15
C VAL D 180 -6.64 2.31 -14.55
N LEU D 181 -6.84 3.46 -13.93
CA LEU D 181 -6.04 4.64 -14.23
C LEU D 181 -4.59 4.47 -13.81
N GLN D 182 -3.70 4.31 -14.79
CA GLN D 182 -2.29 4.19 -14.49
C GLN D 182 -1.68 5.59 -14.57
N SER D 183 -0.82 5.80 -15.56
CA SER D 183 -0.17 7.10 -15.69
C SER D 183 -1.08 8.13 -16.34
N ASP D 184 -2.09 8.58 -15.61
CA ASP D 184 -3.06 9.57 -16.11
C ASP D 184 -3.62 9.06 -17.44
N LEU D 185 -3.65 7.74 -17.58
CA LEU D 185 -4.07 7.08 -18.80
C LEU D 185 -4.67 5.72 -18.46
N TYR D 186 -5.83 5.43 -19.02
CA TYR D 186 -6.53 4.16 -18.76
C TYR D 186 -6.13 2.98 -19.60
N THR D 187 -6.56 1.80 -19.15
CA THR D 187 -6.30 0.54 -19.83
C THR D 187 -7.38 -0.44 -19.36
N LEU D 188 -8.04 -1.11 -20.30
CA LEU D 188 -9.05 -2.13 -19.96
C LEU D 188 -8.97 -3.30 -20.96
N SER D 189 -9.67 -4.38 -20.66
CA SER D 189 -9.70 -5.53 -21.55
C SER D 189 -11.01 -6.30 -21.45
N SER D 190 -11.22 -7.20 -22.42
CA SER D 190 -12.43 -7.99 -22.41
C SER D 190 -12.13 -9.35 -23.02
N SER D 191 -12.88 -10.36 -22.56
CA SER D 191 -12.74 -11.72 -23.03
C SER D 191 -14.08 -12.20 -23.58
N VAL D 192 -14.03 -13.16 -24.50
CA VAL D 192 -15.22 -13.72 -25.09
C VAL D 192 -14.92 -15.20 -25.28
N THR D 193 -15.74 -16.04 -24.67
CA THR D 193 -15.55 -17.48 -24.78
C THR D 193 -16.55 -18.03 -25.79
N VAL D 194 -16.01 -18.50 -26.90
CA VAL D 194 -16.81 -19.07 -27.95
C VAL D 194 -16.35 -20.50 -28.09
N PRO D 195 -17.26 -21.40 -28.45
CA PRO D 195 -16.93 -22.81 -28.63
C PRO D 195 -15.90 -22.89 -29.76
N SER D 196 -15.15 -23.99 -29.83
CA SER D 196 -14.15 -24.15 -30.88
C SER D 196 -14.73 -24.33 -32.28
N SER D 197 -16.02 -24.62 -32.34
CA SER D 197 -16.72 -24.80 -33.62
C SER D 197 -16.54 -23.56 -34.47
N PRO D 198 -16.82 -22.36 -33.89
CA PRO D 198 -16.66 -21.12 -34.65
C PRO D 198 -15.34 -20.36 -34.53
N ARG D 199 -14.31 -20.89 -33.85
CA ARG D 199 -13.04 -20.16 -33.75
C ARG D 199 -12.17 -20.14 -34.99
N PRO D 200 -11.62 -21.31 -35.40
CA PRO D 200 -10.76 -21.35 -36.60
C PRO D 200 -11.49 -20.72 -37.82
N SER D 201 -12.66 -21.26 -38.15
CA SER D 201 -13.46 -20.74 -39.26
C SER D 201 -14.57 -20.00 -38.52
N GLU D 202 -14.95 -18.84 -39.06
CA GLU D 202 -15.97 -17.96 -38.51
C GLU D 202 -15.25 -16.80 -37.79
N THR D 203 -15.34 -15.62 -38.40
CA THR D 203 -14.73 -14.39 -37.93
C THR D 203 -15.19 -13.87 -36.57
N VAL D 204 -14.25 -13.27 -35.83
CA VAL D 204 -14.51 -12.68 -34.51
C VAL D 204 -13.84 -11.31 -34.53
N THR D 205 -14.60 -10.26 -34.24
CA THR D 205 -14.05 -8.91 -34.26
C THR D 205 -14.33 -8.09 -33.01
N CYS D 206 -13.28 -7.57 -32.41
CA CYS D 206 -13.41 -6.76 -31.22
C CYS D 206 -13.62 -5.32 -31.71
N ASN D 207 -14.75 -4.73 -31.37
CA ASN D 207 -15.04 -3.35 -31.81
C ASN D 207 -15.08 -2.39 -30.63
N VAL D 208 -14.12 -1.47 -30.58
CA VAL D 208 -14.09 -0.49 -29.51
C VAL D 208 -14.36 0.88 -30.09
N ALA D 209 -15.21 1.63 -29.40
CA ALA D 209 -15.56 2.98 -29.82
C ALA D 209 -15.21 3.95 -28.69
N HIS D 210 -14.52 5.02 -29.02
CA HIS D 210 -14.14 6.01 -28.02
C HIS D 210 -14.90 7.31 -28.26
N PRO D 211 -16.05 7.44 -27.61
CA PRO D 211 -16.89 8.65 -27.73
C PRO D 211 -16.09 9.97 -27.67
N ALA D 212 -15.37 10.21 -26.57
CA ALA D 212 -14.60 11.45 -26.41
C ALA D 212 -13.63 11.84 -27.55
N SER D 213 -13.37 10.93 -28.47
CA SER D 213 -12.45 11.21 -29.56
C SER D 213 -12.97 10.76 -30.93
N SER D 214 -14.29 10.57 -31.02
CA SER D 214 -14.94 10.16 -32.27
C SER D 214 -14.18 9.06 -32.98
N THR D 215 -13.70 8.07 -32.23
CA THR D 215 -12.91 6.98 -32.80
C THR D 215 -13.58 5.60 -32.75
N LYS D 216 -13.29 4.78 -33.75
CA LYS D 216 -13.83 3.42 -33.85
C LYS D 216 -12.73 2.53 -34.40
N VAL D 217 -12.44 1.42 -33.71
CA VAL D 217 -11.39 0.46 -34.12
C VAL D 217 -11.96 -0.96 -34.19
N ASP D 218 -11.72 -1.65 -35.29
CA ASP D 218 -12.21 -3.02 -35.46
C ASP D 218 -11.05 -3.99 -35.61
N LYS D 219 -10.83 -4.84 -34.61
CA LYS D 219 -9.72 -5.78 -34.67
C LYS D 219 -10.14 -7.24 -34.84
N LYS D 220 -9.95 -7.79 -36.04
CA LYS D 220 -10.28 -9.19 -36.29
C LYS D 220 -9.28 -10.05 -35.51
N ILE D 221 -9.75 -10.81 -34.52
CA ILE D 221 -8.86 -11.65 -33.76
C ILE D 221 -8.35 -12.80 -34.60
N VAL D 222 -7.06 -12.77 -34.90
CA VAL D 222 -6.43 -13.77 -35.73
C VAL D 222 -5.46 -14.64 -34.94
N PRO D 223 -5.30 -15.91 -35.37
CA PRO D 223 -4.43 -16.93 -34.78
C PRO D 223 -2.94 -16.57 -34.97
N ARG D 224 -2.05 -17.46 -34.53
CA ARG D 224 -0.62 -17.22 -34.63
C ARG D 224 0.09 -17.96 -35.77
N ASP D 225 0.72 -17.19 -36.65
CA ASP D 225 1.42 -17.73 -37.81
C ASP D 225 2.92 -17.48 -37.61
N CYS D 226 3.60 -18.45 -37.04
CA CYS D 226 5.05 -18.36 -36.78
C CYS D 226 5.72 -19.73 -36.86
#